data_7H7B
#
_entry.id   7H7B
#
_cell.length_a   87.627
_cell.length_b   87.627
_cell.length_c   85.675
_cell.angle_alpha   90.00
_cell.angle_beta   90.00
_cell.angle_gamma   120.00
#
_symmetry.space_group_name_H-M   'P 31'
#
loop_
_entity.id
_entity.type
_entity.pdbx_description
1 polymer 'Non-structural protein 3'
2 non-polymer 'DIMETHYL SULFOXIDE'
3 non-polymer 2-AMINO-2-HYDROXYMETHYL-PROPANE-1,3-DIOL
4 non-polymer 'CHLORIDE ION'
5 non-polymer N-methyl-1-(1-phenyl-1H-pyrazol-4-yl)methanamine
6 water water
#
_entity_poly.entity_id   1
_entity_poly.type   'polypeptide(L)'
_entity_poly.pdbx_seq_one_letter_code
;GAMAPSYRVKRMDIAKNDEECVVNAANPRGLPGDGVCKAVYKKWPESFKNSATPVGTAKTVMCGTYPVIHAVGPNFSNYT
ESEGDRELAAAYREVAKEVTRLGVNSVAIPLLSTGVYSGGKDRLTQSLNHLFTAMDSTDADVVIYCRDKEWEKKISEAIQ
MRT
;
_entity_poly.pdbx_strand_id   A,B,C,D
#
loop_
_chem_comp.id
_chem_comp.type
_chem_comp.name
_chem_comp.formula
CL non-polymer 'CHLORIDE ION' 'Cl -1'
DMS non-polymer 'DIMETHYL SULFOXIDE' 'C2 H6 O S'
TRS non-polymer 2-AMINO-2-HYDROXYMETHYL-PROPANE-1,3-DIOL 'C4 H12 N O3 1'
W1Y non-polymer N-methyl-1-(1-phenyl-1H-pyrazol-4-yl)methanamine 'C11 H13 N3'
#
# COMPACT_ATOMS: atom_id res chain seq x y z
N GLY A 1 20.52 12.76 -3.11
CA GLY A 1 20.26 14.04 -3.87
C GLY A 1 19.89 13.80 -5.32
N ALA A 2 19.20 14.76 -5.96
CA ALA A 2 18.89 14.74 -7.41
C ALA A 2 20.14 15.13 -8.21
N MET A 3 20.36 14.59 -9.42
CA MET A 3 21.60 14.89 -10.22
C MET A 3 21.67 16.39 -10.60
N ALA A 4 20.51 16.99 -10.88
CA ALA A 4 20.42 18.45 -11.18
C ALA A 4 19.19 19.00 -10.47
N PRO A 5 19.31 19.25 -9.15
CA PRO A 5 18.15 19.64 -8.33
C PRO A 5 17.33 20.76 -9.00
N SER A 6 16.01 20.64 -9.05
CA SER A 6 15.10 21.51 -9.82
C SER A 6 13.93 21.95 -8.96
N TYR A 7 13.22 22.97 -9.44
CA TYR A 7 11.86 23.34 -8.98
C TYR A 7 10.91 23.18 -10.14
N ARG A 8 9.72 22.66 -9.85
CA ARG A 8 8.63 22.55 -10.84
C ARG A 8 7.33 22.90 -10.13
N VAL A 9 6.30 23.20 -10.91
CA VAL A 9 4.94 23.46 -10.37
C VAL A 9 3.93 22.65 -11.16
N LYS A 10 2.98 22.04 -10.46
CA LYS A 10 1.85 21.32 -11.06
C LYS A 10 0.53 21.77 -10.42
N ARG A 11 -0.48 21.86 -11.26
CA ARG A 11 -1.84 22.24 -10.85
C ARG A 11 -2.67 20.97 -10.76
N MET A 12 -2.76 20.41 -9.56
CA MET A 12 -3.49 19.16 -9.29
C MET A 12 -3.45 18.89 -7.78
N ASP A 13 -4.20 17.89 -7.38
CA ASP A 13 -4.29 17.38 -6.00
C ASP A 13 -2.95 16.79 -5.56
N ILE A 14 -2.32 17.35 -4.52
CA ILE A 14 -1.02 16.85 -3.94
C ILE A 14 -1.16 15.40 -3.45
N ALA A 15 -2.36 14.91 -3.13
CA ALA A 15 -2.59 13.48 -2.80
C ALA A 15 -2.27 12.53 -3.97
N LYS A 16 -2.13 13.01 -5.21
CA LYS A 16 -1.78 12.20 -6.41
C LYS A 16 -0.31 12.47 -6.82
N ASN A 17 0.56 13.00 -5.93
CA ASN A 17 1.92 13.39 -6.31
C ASN A 17 2.77 12.19 -6.75
N ASP A 18 3.81 12.48 -7.50
CA ASP A 18 4.79 11.50 -8.01
C ASP A 18 6.15 11.71 -7.35
N GLU A 19 6.19 12.15 -6.09
CA GLU A 19 7.45 12.41 -5.38
C GLU A 19 7.66 11.40 -4.25
N GLU A 20 8.83 11.42 -3.64
CA GLU A 20 9.20 10.40 -2.62
C GLU A 20 8.64 10.73 -1.24
N CYS A 21 8.10 11.93 -1.03
CA CYS A 21 7.46 12.32 0.24
C CYS A 21 6.60 13.55 -0.02
N VAL A 22 5.72 13.83 0.91
CA VAL A 22 4.73 14.93 0.83
C VAL A 22 4.82 15.82 2.05
N VAL A 23 4.62 17.11 1.85
CA VAL A 23 4.42 18.09 2.94
C VAL A 23 2.93 18.37 3.05
N ASN A 24 2.38 18.13 4.23
CA ASN A 24 1.01 18.51 4.58
C ASN A 24 0.97 19.95 5.11
N ALA A 25 0.02 20.74 4.65
CA ALA A 25 -0.29 22.07 5.24
C ALA A 25 -1.21 21.79 6.43
N ALA A 26 -0.61 21.41 7.55
CA ALA A 26 -1.26 20.84 8.74
C ALA A 26 -1.81 21.93 9.67
N ASN A 27 -2.70 21.51 10.55
CA ASN A 27 -3.09 22.33 11.72
C ASN A 27 -2.28 21.85 12.91
N PRO A 28 -2.16 22.66 13.97
CA PRO A 28 -1.31 22.26 15.09
C PRO A 28 -1.78 21.07 15.93
N ARG A 29 -3.06 20.71 15.80
CA ARG A 29 -3.71 19.66 16.63
C ARG A 29 -3.76 18.32 15.93
N GLY A 30 -3.19 18.22 14.73
CA GLY A 30 -3.25 16.94 13.98
C GLY A 30 -4.65 16.53 13.61
N LEU A 31 -5.56 17.49 13.38
CA LEU A 31 -6.96 17.23 12.96
C LEU A 31 -7.04 17.09 11.46
N PRO A 32 -8.02 16.34 10.92
CA PRO A 32 -8.21 16.20 9.48
C PRO A 32 -8.33 17.53 8.73
N GLY A 33 -8.94 18.55 9.32
CA GLY A 33 -8.87 19.89 8.70
C GLY A 33 -9.63 20.02 7.39
N ASP A 34 -9.28 21.02 6.56
CA ASP A 34 -9.89 21.29 5.23
C ASP A 34 -8.80 21.43 4.16
N GLY A 35 -9.21 21.51 2.90
CA GLY A 35 -8.28 21.76 1.75
C GLY A 35 -7.20 20.69 1.60
N VAL A 36 -5.92 21.10 1.46
CA VAL A 36 -4.77 20.14 1.34
C VAL A 36 -4.80 19.14 2.50
N CYS A 37 -5.04 19.63 3.71
CA CYS A 37 -4.97 18.80 4.95
C CYS A 37 -6.02 17.67 4.85
N LYS A 38 -7.24 17.98 4.39
CA LYS A 38 -8.30 16.93 4.28
C LYS A 38 -7.93 15.90 3.19
N ALA A 39 -7.34 16.34 2.10
CA ALA A 39 -6.92 15.40 1.01
C ALA A 39 -5.82 14.49 1.54
N VAL A 40 -4.90 15.07 2.32
CA VAL A 40 -3.76 14.29 2.88
C VAL A 40 -4.34 13.30 3.89
N TYR A 41 -5.35 13.72 4.70
CA TYR A 41 -5.95 12.80 5.70
C TYR A 41 -6.63 11.61 4.99
N LYS A 42 -7.30 11.87 3.88
CA LYS A 42 -8.01 10.79 3.12
C LYS A 42 -7.00 9.81 2.51
N LYS A 43 -5.86 10.29 2.04
CA LYS A 43 -4.86 9.46 1.31
C LYS A 43 -3.92 8.73 2.27
N TRP A 44 -3.51 9.36 3.36
CA TRP A 44 -2.52 8.87 4.32
C TRP A 44 -3.01 9.02 5.76
N PRO A 45 -4.17 8.45 6.14
CA PRO A 45 -4.72 8.70 7.48
C PRO A 45 -3.82 8.17 8.61
N GLU A 46 -3.04 7.11 8.33
CA GLU A 46 -2.11 6.51 9.32
C GLU A 46 -1.08 7.56 9.77
N SER A 47 -0.77 8.55 8.90
CA SER A 47 0.27 9.54 9.17
C SER A 47 -0.22 10.57 10.18
N PHE A 48 -1.46 10.51 10.64
CA PHE A 48 -1.96 11.49 11.64
C PHE A 48 -1.88 10.93 13.06
N LYS A 49 -1.25 9.77 13.25
CA LYS A 49 -0.92 9.30 14.62
C LYS A 49 0.15 10.20 15.26
N ASN A 50 -0.22 10.97 16.30
CA ASN A 50 0.70 11.85 17.05
C ASN A 50 1.39 12.83 16.08
N SER A 51 0.61 13.39 15.18
CA SER A 51 1.13 14.42 14.23
C SER A 51 1.01 15.85 14.80
N ALA A 52 0.27 16.08 15.86
CA ALA A 52 0.15 17.44 16.49
C ALA A 52 1.54 18.02 16.76
N THR A 53 1.73 19.31 16.45
CA THR A 53 3.03 20.01 16.55
C THR A 53 2.75 21.52 16.53
N PRO A 54 3.58 22.36 17.16
CA PRO A 54 3.27 23.77 17.26
C PRO A 54 3.39 24.51 15.93
N VAL A 55 2.83 25.71 15.91
CA VAL A 55 2.99 26.65 14.76
C VAL A 55 4.49 26.84 14.51
N GLY A 56 4.88 26.92 13.22
CA GLY A 56 6.29 27.21 12.88
C GLY A 56 7.18 25.98 12.88
N THR A 57 6.62 24.79 13.11
CA THR A 57 7.36 23.51 13.15
C THR A 57 6.85 22.51 12.11
N ALA A 58 7.63 21.46 11.90
CA ALA A 58 7.28 20.33 11.02
C ALA A 58 7.57 19.05 11.79
N LYS A 59 6.68 18.08 11.66
CA LYS A 59 6.81 16.75 12.30
C LYS A 59 6.50 15.71 11.25
N THR A 60 7.40 14.76 11.02
CA THR A 60 7.23 13.69 10.01
C THR A 60 6.65 12.44 10.68
N VAL A 61 5.64 11.85 10.06
CA VAL A 61 5.04 10.55 10.45
C VAL A 61 4.95 9.71 9.20
N MET A 62 5.38 8.45 9.30
N MET A 62 5.43 8.46 9.30
CA MET A 62 5.43 7.50 8.16
CA MET A 62 5.39 7.51 8.17
C MET A 62 4.05 6.88 7.94
C MET A 62 3.97 7.00 7.95
N CYS A 63 3.61 6.79 6.68
CA CYS A 63 2.43 6.00 6.28
C CYS A 63 3.00 4.81 5.51
N GLY A 64 3.13 3.64 6.17
CA GLY A 64 4.00 2.58 5.62
C GLY A 64 5.43 3.03 5.63
N THR A 65 6.08 3.14 4.48
CA THR A 65 7.42 3.74 4.33
C THR A 65 7.36 5.10 3.65
N TYR A 66 6.17 5.64 3.41
CA TYR A 66 6.02 6.94 2.69
C TYR A 66 5.97 8.07 3.72
N PRO A 67 6.94 9.03 3.74
CA PRO A 67 6.97 10.09 4.75
C PRO A 67 5.98 11.24 4.49
N VAL A 68 5.18 11.58 5.51
CA VAL A 68 4.28 12.75 5.50
C VAL A 68 4.88 13.75 6.47
N ILE A 69 5.32 14.91 5.95
CA ILE A 69 5.94 15.96 6.76
C ILE A 69 4.81 16.98 7.09
N HIS A 70 4.31 16.93 8.31
CA HIS A 70 3.25 17.87 8.77
C HIS A 70 3.85 19.23 9.12
N ALA A 71 3.66 20.21 8.26
CA ALA A 71 4.26 21.57 8.45
C ALA A 71 3.14 22.54 8.84
N VAL A 72 3.31 23.18 10.00
CA VAL A 72 2.23 24.06 10.55
C VAL A 72 2.57 25.55 10.29
N GLY A 73 2.01 26.11 9.24
CA GLY A 73 2.07 27.55 8.98
C GLY A 73 1.13 28.27 9.93
N PRO A 74 1.39 29.56 10.18
CA PRO A 74 0.51 30.39 11.00
C PRO A 74 -0.83 30.69 10.32
N ASN A 75 -1.88 30.84 11.12
CA ASN A 75 -3.18 31.36 10.63
C ASN A 75 -3.13 32.87 10.78
N PHE A 76 -3.03 33.61 9.69
CA PHE A 76 -2.83 35.08 9.71
C PHE A 76 -4.12 35.75 10.24
N SER A 77 -5.21 35.02 10.46
CA SER A 77 -6.37 35.59 11.21
C SER A 77 -5.95 35.89 12.66
N ASN A 78 -5.01 35.13 13.22
CA ASN A 78 -4.66 35.17 14.67
C ASN A 78 -3.37 35.90 14.91
N TYR A 79 -2.41 35.83 13.98
CA TYR A 79 -1.07 36.45 14.12
C TYR A 79 -1.09 37.87 13.50
N THR A 80 -0.26 38.75 14.04
CA THR A 80 0.15 40.03 13.37
C THR A 80 0.88 39.69 12.07
N GLU A 81 0.90 40.60 11.10
CA GLU A 81 1.69 40.39 9.85
C GLU A 81 3.15 40.03 10.16
N SER A 82 3.76 40.73 11.12
CA SER A 82 5.18 40.55 11.51
C SER A 82 5.42 39.16 12.12
N GLU A 83 4.62 38.78 13.11
CA GLU A 83 4.80 37.48 13.80
C GLU A 83 4.46 36.31 12.86
N GLY A 84 3.44 36.50 12.05
CA GLY A 84 3.01 35.48 11.08
C GLY A 84 4.11 35.27 10.08
N ASP A 85 4.68 36.37 9.60
CA ASP A 85 5.78 36.26 8.61
C ASP A 85 6.91 35.43 9.22
N ARG A 86 7.28 35.64 10.49
CA ARG A 86 8.39 34.91 11.15
C ARG A 86 8.08 33.41 11.25
N GLU A 87 6.84 33.08 11.63
CA GLU A 87 6.45 31.67 11.83
C GLU A 87 6.35 30.95 10.48
N LEU A 88 5.95 31.65 9.42
CA LEU A 88 5.80 31.04 8.08
C LEU A 88 7.20 30.70 7.55
N ALA A 89 8.14 31.63 7.67
CA ALA A 89 9.56 31.36 7.36
C ALA A 89 10.09 30.19 8.19
N ALA A 90 9.79 30.12 9.49
CA ALA A 90 10.29 29.05 10.37
C ALA A 90 9.73 27.68 9.90
N ALA A 91 8.41 27.58 9.62
CA ALA A 91 7.84 26.29 9.18
C ALA A 91 8.64 25.75 7.99
N TYR A 92 8.91 26.58 6.97
CA TYR A 92 9.66 26.11 5.80
C TYR A 92 11.09 25.69 6.18
N ARG A 93 11.77 26.40 7.08
CA ARG A 93 13.13 25.95 7.51
C ARG A 93 13.05 24.54 8.11
N GLU A 94 12.00 24.22 8.89
CA GLU A 94 11.84 22.89 9.50
C GLU A 94 11.55 21.88 8.41
N VAL A 95 10.80 22.22 7.35
CA VAL A 95 10.59 21.31 6.21
C VAL A 95 11.93 20.97 5.57
N ALA A 96 12.78 21.98 5.34
CA ALA A 96 14.10 21.67 4.73
C ALA A 96 14.92 20.71 5.60
N LYS A 97 14.92 20.87 6.92
CA LYS A 97 15.64 19.96 7.85
C LYS A 97 15.08 18.53 7.69
N GLU A 98 13.76 18.37 7.63
CA GLU A 98 13.14 17.03 7.54
C GLU A 98 13.48 16.38 6.20
N VAL A 99 13.35 17.11 5.10
CA VAL A 99 13.61 16.59 3.74
C VAL A 99 15.08 16.11 3.71
N THR A 100 15.96 16.88 4.32
CA THR A 100 17.41 16.53 4.35
C THR A 100 17.62 15.26 5.19
N ARG A 101 17.03 15.22 6.37
CA ARG A 101 17.17 14.08 7.32
C ARG A 101 16.67 12.80 6.64
N LEU A 102 15.58 12.86 5.87
CA LEU A 102 14.93 11.67 5.28
C LEU A 102 15.79 11.12 4.14
N GLY A 103 16.61 11.95 3.49
CA GLY A 103 17.47 11.49 2.38
C GLY A 103 16.70 11.27 1.09
N VAL A 104 15.51 11.84 0.96
CA VAL A 104 14.68 11.72 -0.25
C VAL A 104 15.34 12.49 -1.41
N ASN A 105 15.05 12.06 -2.63
CA ASN A 105 15.50 12.76 -3.85
C ASN A 105 14.43 13.71 -4.38
N SER A 106 13.19 13.69 -3.86
CA SER A 106 12.09 14.54 -4.36
C SER A 106 11.07 14.75 -3.22
N VAL A 107 10.35 15.85 -3.27
CA VAL A 107 9.33 16.25 -2.26
C VAL A 107 8.22 17.06 -2.96
N ALA A 108 6.96 16.74 -2.65
CA ALA A 108 5.74 17.46 -3.07
C ALA A 108 5.41 18.45 -1.95
N ILE A 109 5.26 19.74 -2.27
N ILE A 109 5.33 19.75 -2.28
CA ILE A 109 5.03 20.79 -1.25
CA ILE A 109 5.08 20.85 -1.29
C ILE A 109 3.95 21.77 -1.70
C ILE A 109 3.91 21.72 -1.73
N PRO A 110 2.98 22.09 -0.82
CA PRO A 110 1.99 23.12 -1.09
C PRO A 110 2.52 24.48 -0.59
N LEU A 111 1.90 25.59 -0.97
CA LEU A 111 2.30 26.91 -0.41
C LEU A 111 1.57 27.11 0.94
N LEU A 112 2.34 27.04 2.02
CA LEU A 112 1.78 27.18 3.38
C LEU A 112 1.14 28.57 3.57
N SER A 113 0.03 28.58 4.33
CA SER A 113 -0.70 29.78 4.80
C SER A 113 -1.31 30.58 3.64
N THR A 114 -1.57 29.95 2.49
CA THR A 114 -2.14 30.64 1.30
C THR A 114 -3.63 30.37 1.16
N GLY A 115 -4.19 29.44 1.91
CA GLY A 115 -5.63 29.07 1.85
C GLY A 115 -6.40 29.60 3.03
N VAL A 116 -7.04 28.73 3.82
CA VAL A 116 -7.90 29.20 4.94
C VAL A 116 -7.04 29.84 6.07
N TYR A 117 -5.70 29.73 6.06
CA TYR A 117 -4.81 30.43 7.02
C TYR A 117 -4.27 31.76 6.48
N SER A 118 -4.73 32.23 5.32
CA SER A 118 -4.17 33.44 4.65
C SER A 118 -4.69 34.74 5.30
N GLY A 119 -5.74 34.64 6.12
CA GLY A 119 -6.38 35.86 6.68
C GLY A 119 -7.01 36.70 5.54
N GLY A 120 -7.47 36.03 4.48
CA GLY A 120 -8.13 36.62 3.30
C GLY A 120 -7.19 37.47 2.43
N LYS A 121 -5.87 37.28 2.50
CA LYS A 121 -4.90 38.02 1.69
C LYS A 121 -4.23 37.07 0.69
N ASP A 122 -3.78 37.61 -0.43
CA ASP A 122 -2.96 36.91 -1.44
C ASP A 122 -1.55 36.85 -0.90
N ARG A 123 -1.07 35.63 -0.58
CA ARG A 123 0.28 35.44 -0.01
C ARG A 123 1.11 34.52 -0.90
N LEU A 124 0.81 34.44 -2.19
CA LEU A 124 1.61 33.59 -3.14
C LEU A 124 3.07 34.01 -3.01
N THR A 125 3.42 35.29 -3.25
CA THR A 125 4.82 35.70 -3.31
C THR A 125 5.51 35.51 -1.95
N GLN A 126 4.82 35.88 -0.87
CA GLN A 126 5.40 35.80 0.50
C GLN A 126 5.71 34.32 0.81
N SER A 127 4.76 33.44 0.53
CA SER A 127 4.87 32.01 0.92
C SER A 127 5.93 31.35 0.01
N LEU A 128 5.85 31.62 -1.29
CA LEU A 128 6.82 31.05 -2.26
C LEU A 128 8.25 31.50 -1.94
N ASN A 129 8.48 32.76 -1.60
CA ASN A 129 9.84 33.25 -1.34
C ASN A 129 10.36 32.59 -0.07
N HIS A 130 9.51 32.34 0.94
CA HIS A 130 9.98 31.62 2.16
C HIS A 130 10.31 30.16 1.80
N LEU A 131 9.58 29.58 0.87
CA LEU A 131 9.83 28.20 0.40
C LEU A 131 11.22 28.20 -0.22
N PHE A 132 11.47 29.13 -1.15
CA PHE A 132 12.81 29.19 -1.81
C PHE A 132 13.89 29.39 -0.77
N THR A 133 13.72 30.34 0.18
CA THR A 133 14.79 30.65 1.15
C THR A 133 15.21 29.35 1.86
N ALA A 134 14.23 28.54 2.23
CA ALA A 134 14.48 27.26 2.95
C ALA A 134 15.04 26.18 2.03
N MET A 135 14.47 25.99 0.83
CA MET A 135 14.73 24.78 0.06
C MET A 135 15.95 24.97 -0.86
N ASP A 136 16.40 26.21 -1.08
CA ASP A 136 17.47 26.45 -2.09
C ASP A 136 18.75 25.70 -1.72
N SER A 137 19.05 25.48 -0.45
CA SER A 137 20.28 24.79 -0.03
C SER A 137 20.10 23.28 0.01
N THR A 138 18.90 22.76 -0.29
CA THR A 138 18.66 21.30 -0.37
C THR A 138 18.88 20.82 -1.80
N ASP A 139 19.18 19.53 -1.98
CA ASP A 139 19.41 18.96 -3.32
C ASP A 139 18.27 18.03 -3.74
N ALA A 140 17.11 18.12 -3.08
CA ALA A 140 15.91 17.40 -3.55
C ALA A 140 15.25 18.11 -4.73
N ASP A 141 14.69 17.36 -5.67
CA ASP A 141 13.76 17.91 -6.65
C ASP A 141 12.50 18.36 -5.90
N VAL A 142 12.12 19.61 -6.06
CA VAL A 142 10.93 20.16 -5.34
C VAL A 142 9.82 20.31 -6.36
N VAL A 143 8.63 19.78 -6.07
CA VAL A 143 7.46 19.95 -6.96
C VAL A 143 6.36 20.65 -6.15
N ILE A 144 6.04 21.87 -6.52
CA ILE A 144 5.05 22.72 -5.81
C ILE A 144 3.69 22.37 -6.38
N TYR A 145 2.68 22.15 -5.53
CA TYR A 145 1.32 21.82 -5.98
C TYR A 145 0.40 23.01 -5.69
N CYS A 146 -0.44 23.37 -6.65
CA CYS A 146 -1.43 24.47 -6.49
C CYS A 146 -2.75 24.03 -7.14
N ARG A 147 -3.80 24.83 -6.94
CA ARG A 147 -5.20 24.58 -7.42
C ARG A 147 -5.55 25.56 -8.56
N ASP A 148 -5.15 26.82 -8.40
CA ASP A 148 -5.63 27.99 -9.21
C ASP A 148 -4.82 28.10 -10.50
N LYS A 149 -5.50 28.28 -11.64
CA LYS A 149 -4.83 28.45 -12.96
C LYS A 149 -3.92 29.67 -12.98
N GLU A 150 -4.36 30.79 -12.44
CA GLU A 150 -3.50 32.01 -12.43
C GLU A 150 -2.30 31.82 -11.48
N TRP A 151 -2.49 31.14 -10.35
CA TRP A 151 -1.36 30.84 -9.43
C TRP A 151 -0.34 29.95 -10.13
N GLU A 152 -0.76 28.97 -10.93
CA GLU A 152 0.19 28.07 -11.65
C GLU A 152 1.12 28.94 -12.51
N LYS A 153 0.52 29.90 -13.25
CA LYS A 153 1.30 30.76 -14.18
C LYS A 153 2.29 31.59 -13.37
N LYS A 154 1.85 32.21 -12.26
CA LYS A 154 2.70 33.10 -11.44
C LYS A 154 3.83 32.31 -10.77
N ILE A 155 3.55 31.11 -10.26
CA ILE A 155 4.59 30.24 -9.67
C ILE A 155 5.58 29.81 -10.76
N SER A 156 5.08 29.42 -11.94
CA SER A 156 5.96 29.00 -13.06
C SER A 156 6.88 30.14 -13.47
N GLU A 157 6.33 31.34 -13.56
CA GLU A 157 7.12 32.56 -13.90
C GLU A 157 8.21 32.80 -12.85
N ALA A 158 7.90 32.70 -11.54
CA ALA A 158 8.88 32.96 -10.48
C ALA A 158 10.00 31.93 -10.55
N ILE A 159 9.67 30.67 -10.86
CA ILE A 159 10.70 29.61 -10.98
C ILE A 159 11.63 29.97 -12.15
N GLN A 160 11.05 30.21 -13.34
CA GLN A 160 11.80 30.40 -14.61
C GLN A 160 12.71 31.63 -14.50
N MET A 161 12.27 32.67 -13.80
CA MET A 161 12.98 33.98 -13.65
C MET A 161 14.33 33.82 -12.94
N ARG A 162 14.55 32.72 -12.21
CA ARG A 162 15.79 32.48 -11.43
C ARG A 162 16.66 31.40 -12.11
N THR A 163 16.22 30.86 -13.25
CA THR A 163 16.96 29.82 -14.04
C THR A 163 17.90 30.51 -15.06
N GLY B 1 10.57 -0.03 -32.83
CA GLY B 1 9.59 -1.14 -33.03
C GLY B 1 9.82 -2.29 -32.08
N ALA B 2 8.76 -3.04 -31.75
CA ALA B 2 8.84 -4.34 -31.06
C ALA B 2 9.55 -5.32 -32.00
N MET B 3 10.34 -6.28 -31.50
CA MET B 3 11.18 -7.13 -32.40
C MET B 3 10.24 -8.01 -33.24
N ALA B 4 9.09 -8.37 -32.68
CA ALA B 4 8.01 -9.10 -33.39
C ALA B 4 6.71 -8.42 -33.00
N PRO B 5 6.31 -7.33 -33.69
CA PRO B 5 5.11 -6.59 -33.31
C PRO B 5 3.93 -7.54 -33.05
N SER B 6 3.23 -7.38 -31.93
CA SER B 6 2.13 -8.26 -31.55
C SER B 6 0.91 -7.43 -31.13
N TYR B 7 -0.21 -8.13 -31.04
CA TYR B 7 -1.43 -7.72 -30.32
C TYR B 7 -1.64 -8.64 -29.10
N ARG B 8 -1.99 -8.07 -27.93
CA ARG B 8 -2.34 -8.83 -26.71
C ARG B 8 -3.56 -8.18 -26.05
N VAL B 9 -4.33 -8.93 -25.27
CA VAL B 9 -5.47 -8.35 -24.51
C VAL B 9 -5.24 -8.61 -23.01
N LYS B 10 -5.61 -7.63 -22.18
CA LYS B 10 -5.57 -7.71 -20.70
C LYS B 10 -6.92 -7.22 -20.16
N ARG B 11 -7.46 -7.93 -19.16
CA ARG B 11 -8.73 -7.57 -18.49
C ARG B 11 -8.40 -6.91 -17.15
N MET B 12 -8.25 -5.58 -17.15
CA MET B 12 -7.85 -4.80 -15.97
C MET B 12 -7.94 -3.31 -16.28
N ASP B 13 -7.79 -2.50 -15.23
CA ASP B 13 -7.77 -1.02 -15.26
C ASP B 13 -6.54 -0.53 -16.06
N ILE B 14 -6.80 0.13 -17.19
CA ILE B 14 -5.73 0.59 -18.12
C ILE B 14 -4.81 1.62 -17.42
N ALA B 15 -5.24 2.21 -16.31
CA ALA B 15 -4.37 3.08 -15.47
C ALA B 15 -3.13 2.35 -14.90
N LYS B 16 -3.21 1.02 -14.76
CA LYS B 16 -2.14 0.14 -14.23
C LYS B 16 -1.40 -0.56 -15.39
N ASN B 17 -1.39 0.06 -16.59
CA ASN B 17 -0.75 -0.53 -17.79
C ASN B 17 0.77 -0.55 -17.57
N ASP B 18 1.41 -1.58 -18.14
CA ASP B 18 2.89 -1.77 -18.15
C ASP B 18 3.50 -1.21 -19.45
N GLU B 19 2.80 -0.40 -20.27
CA GLU B 19 3.26 -0.02 -21.61
C GLU B 19 3.90 1.36 -21.59
N GLU B 20 4.52 1.74 -22.72
CA GLU B 20 5.31 2.99 -22.82
C GLU B 20 4.40 4.21 -23.02
N CYS B 21 3.09 3.99 -23.26
CA CYS B 21 2.12 5.07 -23.40
C CYS B 21 0.71 4.50 -23.32
N VAL B 22 -0.25 5.39 -23.05
CA VAL B 22 -1.67 5.03 -22.85
C VAL B 22 -2.56 5.86 -23.79
N VAL B 23 -3.59 5.21 -24.31
CA VAL B 23 -4.70 5.89 -25.03
C VAL B 23 -5.88 6.04 -24.07
N ASN B 24 -6.26 7.27 -23.80
CA ASN B 24 -7.50 7.58 -23.06
C ASN B 24 -8.68 7.58 -24.04
N ALA B 25 -9.79 7.00 -23.63
CA ALA B 25 -11.10 7.14 -24.31
C ALA B 25 -11.72 8.45 -23.80
N ALA B 26 -11.31 9.54 -24.42
CA ALA B 26 -11.51 10.92 -23.95
C ALA B 26 -12.87 11.47 -24.39
N ASN B 27 -13.32 12.53 -23.72
CA ASN B 27 -14.40 13.39 -24.24
C ASN B 27 -13.75 14.59 -24.92
N PRO B 28 -14.49 15.35 -25.76
CA PRO B 28 -13.89 16.45 -26.51
C PRO B 28 -13.42 17.63 -25.66
N ARG B 29 -13.84 17.71 -24.39
CA ARG B 29 -13.66 18.93 -23.58
C ARG B 29 -12.55 18.74 -22.55
N GLY B 30 -11.91 17.58 -22.50
CA GLY B 30 -10.85 17.31 -21.51
C GLY B 30 -11.39 17.22 -20.09
N LEU B 31 -12.64 16.77 -19.94
CA LEU B 31 -13.26 16.61 -18.62
C LEU B 31 -12.99 15.21 -18.13
N PRO B 32 -13.09 14.97 -16.80
CA PRO B 32 -12.87 13.65 -16.22
C PRO B 32 -13.72 12.43 -16.64
N GLY B 33 -15.00 12.58 -16.95
CA GLY B 33 -15.74 11.52 -17.69
C GLY B 33 -16.01 10.26 -16.87
N ASP B 34 -16.26 9.15 -17.58
CA ASP B 34 -16.68 7.84 -17.01
C ASP B 34 -15.70 6.75 -17.47
N GLY B 35 -15.85 5.54 -16.91
CA GLY B 35 -15.09 4.35 -17.32
C GLY B 35 -13.60 4.62 -17.40
N VAL B 36 -12.98 4.28 -18.53
CA VAL B 36 -11.52 4.45 -18.75
C VAL B 36 -11.09 5.89 -18.45
N CYS B 37 -11.85 6.89 -18.88
CA CYS B 37 -11.48 8.31 -18.75
C CYS B 37 -11.34 8.64 -17.27
N LYS B 38 -12.27 8.13 -16.45
CA LYS B 38 -12.28 8.42 -14.98
C LYS B 38 -10.99 7.83 -14.38
N ALA B 39 -10.66 6.61 -14.77
CA ALA B 39 -9.44 5.89 -14.33
C ALA B 39 -8.18 6.65 -14.75
N VAL B 40 -8.13 7.19 -15.97
CA VAL B 40 -6.96 7.98 -16.46
C VAL B 40 -6.88 9.31 -15.71
N TYR B 41 -8.00 9.95 -15.34
CA TYR B 41 -7.96 11.26 -14.66
C TYR B 41 -7.43 11.08 -13.23
N LYS B 42 -7.68 9.89 -12.70
CA LYS B 42 -7.35 9.59 -11.28
C LYS B 42 -5.81 9.59 -11.16
N LYS B 43 -5.09 9.21 -12.22
CA LYS B 43 -3.62 9.09 -12.15
C LYS B 43 -2.91 10.25 -12.84
N TRP B 44 -3.40 10.68 -14.01
CA TRP B 44 -2.73 11.70 -14.83
C TRP B 44 -3.62 12.91 -15.02
N PRO B 45 -4.14 13.55 -13.93
CA PRO B 45 -4.98 14.70 -14.14
C PRO B 45 -4.27 15.82 -14.88
N GLU B 46 -2.96 16.01 -14.64
CA GLU B 46 -2.24 17.14 -15.30
C GLU B 46 -2.08 16.80 -16.79
N SER B 47 -2.35 15.57 -17.19
CA SER B 47 -2.48 15.19 -18.64
C SER B 47 -3.74 15.79 -19.26
N PHE B 48 -4.68 16.34 -18.50
CA PHE B 48 -5.89 16.96 -19.04
C PHE B 48 -5.66 18.45 -19.26
N LYS B 49 -4.46 18.98 -18.96
CA LYS B 49 -4.15 20.39 -19.25
C LYS B 49 -4.22 20.57 -20.77
N ASN B 50 -5.21 21.32 -21.23
CA ASN B 50 -5.36 21.71 -22.65
C ASN B 50 -5.48 20.43 -23.48
N SER B 51 -6.16 19.42 -22.97
CA SER B 51 -6.38 18.14 -23.70
C SER B 51 -7.64 18.18 -24.58
N ALA B 52 -8.49 19.22 -24.48
CA ALA B 52 -9.70 19.34 -25.35
C ALA B 52 -9.33 19.23 -26.84
N THR B 53 -10.11 18.45 -27.59
CA THR B 53 -9.79 18.15 -29.01
C THR B 53 -11.09 17.65 -29.65
N PRO B 54 -11.33 17.89 -30.95
CA PRO B 54 -12.56 17.46 -31.60
C PRO B 54 -12.75 15.94 -31.69
N VAL B 55 -14.00 15.56 -31.88
CA VAL B 55 -14.38 14.16 -32.19
C VAL B 55 -13.59 13.73 -33.42
N GLY B 56 -13.09 12.50 -33.40
CA GLY B 56 -12.33 11.94 -34.52
C GLY B 56 -10.86 12.29 -34.48
N THR B 57 -10.39 12.94 -33.42
CA THR B 57 -8.96 13.31 -33.31
C THR B 57 -8.31 12.76 -32.05
N ALA B 58 -6.99 12.82 -32.02
CA ALA B 58 -6.19 12.47 -30.83
C ALA B 58 -5.25 13.62 -30.52
N LYS B 59 -5.09 13.90 -29.23
CA LYS B 59 -4.17 14.96 -28.71
C LYS B 59 -3.31 14.34 -27.61
N THR B 60 -1.99 14.46 -27.72
CA THR B 60 -1.05 13.85 -26.74
C THR B 60 -0.60 14.93 -25.75
N VAL B 61 -0.71 14.60 -24.47
CA VAL B 61 -0.15 15.42 -23.38
C VAL B 61 0.84 14.56 -22.61
N MET B 62 2.06 15.10 -22.54
CA MET B 62 3.21 14.52 -21.83
C MET B 62 3.09 14.87 -20.36
N CYS B 63 3.09 13.82 -19.55
CA CYS B 63 3.33 13.87 -18.11
C CYS B 63 4.77 13.43 -17.83
N GLY B 64 5.71 14.37 -17.86
CA GLY B 64 7.14 14.02 -17.81
C GLY B 64 7.52 13.29 -19.07
N THR B 65 7.93 12.03 -18.96
CA THR B 65 8.35 11.21 -20.11
C THR B 65 7.18 10.39 -20.64
N TYR B 66 6.06 10.31 -19.92
CA TYR B 66 4.98 9.32 -20.21
C TYR B 66 3.89 9.99 -21.06
N PRO B 67 3.66 9.57 -22.33
CA PRO B 67 2.60 10.15 -23.16
C PRO B 67 1.20 9.58 -22.87
N VAL B 68 0.24 10.48 -22.72
CA VAL B 68 -1.22 10.18 -22.66
C VAL B 68 -1.83 10.69 -23.95
N ILE B 69 -2.35 9.76 -24.74
CA ILE B 69 -2.96 10.08 -26.07
C ILE B 69 -4.49 10.14 -25.86
N HIS B 70 -5.02 11.35 -25.83
CA HIS B 70 -6.48 11.55 -25.65
C HIS B 70 -7.16 11.33 -27.00
N ALA B 71 -7.85 10.21 -27.16
CA ALA B 71 -8.53 9.86 -28.43
C ALA B 71 -10.05 10.03 -28.24
N VAL B 72 -10.66 10.87 -29.08
CA VAL B 72 -12.10 11.20 -28.91
C VAL B 72 -12.94 10.40 -29.91
N GLY B 73 -13.51 9.28 -29.49
CA GLY B 73 -14.52 8.57 -30.29
C GLY B 73 -15.85 9.30 -30.22
N PRO B 74 -16.72 9.03 -31.21
CA PRO B 74 -18.03 9.67 -31.26
C PRO B 74 -18.94 9.05 -30.20
N ASN B 75 -19.89 9.86 -29.72
CA ASN B 75 -21.04 9.41 -28.92
C ASN B 75 -22.17 9.05 -29.88
N PHE B 76 -22.45 7.78 -30.02
CA PHE B 76 -23.51 7.24 -30.91
C PHE B 76 -24.92 7.63 -30.39
N SER B 77 -25.05 8.22 -29.21
CA SER B 77 -26.33 8.89 -28.82
C SER B 77 -26.56 10.11 -29.72
N ASN B 78 -25.50 10.75 -30.21
CA ASN B 78 -25.55 12.04 -30.96
C ASN B 78 -25.29 11.90 -32.46
N TYR B 79 -24.39 11.00 -32.84
CA TYR B 79 -24.02 10.70 -34.26
C TYR B 79 -24.94 9.62 -34.83
N THR B 80 -25.23 9.71 -36.12
CA THR B 80 -25.87 8.62 -36.88
C THR B 80 -24.88 7.46 -37.00
N GLU B 81 -25.39 6.29 -37.29
CA GLU B 81 -24.51 5.10 -37.50
C GLU B 81 -23.45 5.45 -38.56
N SER B 82 -23.86 6.11 -39.64
CA SER B 82 -22.96 6.41 -40.78
C SER B 82 -21.86 7.41 -40.35
N GLU B 83 -22.26 8.52 -39.75
CA GLU B 83 -21.28 9.58 -39.42
C GLU B 83 -20.42 9.11 -38.23
N GLY B 84 -20.99 8.37 -37.30
CA GLY B 84 -20.27 7.79 -36.14
C GLY B 84 -19.20 6.84 -36.64
N ASP B 85 -19.54 5.98 -37.59
CA ASP B 85 -18.58 4.95 -38.07
C ASP B 85 -17.37 5.70 -38.63
N ARG B 86 -17.57 6.77 -39.38
CA ARG B 86 -16.47 7.53 -39.99
C ARG B 86 -15.59 8.15 -38.88
N GLU B 87 -16.19 8.79 -37.87
CA GLU B 87 -15.43 9.46 -36.79
C GLU B 87 -14.69 8.42 -35.95
N LEU B 88 -15.25 7.22 -35.77
CA LEU B 88 -14.59 6.19 -34.94
C LEU B 88 -13.34 5.70 -35.68
N ALA B 89 -13.45 5.42 -36.98
CA ALA B 89 -12.28 5.08 -37.83
C ALA B 89 -11.23 6.20 -37.72
N ALA B 90 -11.63 7.47 -37.78
CA ALA B 90 -10.71 8.63 -37.82
C ALA B 90 -9.93 8.72 -36.48
N ALA B 91 -10.62 8.55 -35.35
CA ALA B 91 -9.97 8.61 -34.02
C ALA B 91 -8.85 7.59 -33.98
N TYR B 92 -9.10 6.36 -34.42
CA TYR B 92 -8.05 5.32 -34.38
C TYR B 92 -6.91 5.68 -35.35
N ARG B 93 -7.22 6.19 -36.54
CA ARG B 93 -6.14 6.59 -37.48
C ARG B 93 -5.22 7.62 -36.82
N GLU B 94 -5.78 8.59 -36.06
N GLU B 94 -5.79 8.54 -36.04
CA GLU B 94 -4.96 9.61 -35.36
CA GLU B 94 -5.01 9.61 -35.37
C GLU B 94 -4.14 8.94 -34.24
C GLU B 94 -4.20 9.00 -34.21
N VAL B 95 -4.71 7.95 -33.55
CA VAL B 95 -3.93 7.20 -32.55
C VAL B 95 -2.68 6.58 -33.25
N ALA B 96 -2.86 5.93 -34.37
CA ALA B 96 -1.75 5.28 -35.11
C ALA B 96 -0.65 6.29 -35.43
N LYS B 97 -1.03 7.49 -35.91
CA LYS B 97 -0.07 8.56 -36.24
C LYS B 97 0.69 8.97 -34.98
N GLU B 98 0.00 9.17 -33.85
CA GLU B 98 0.64 9.60 -32.59
C GLU B 98 1.60 8.51 -32.09
N VAL B 99 1.19 7.25 -32.08
CA VAL B 99 2.05 6.15 -31.60
C VAL B 99 3.32 6.13 -32.47
N THR B 100 3.16 6.33 -33.77
CA THR B 100 4.31 6.34 -34.74
C THR B 100 5.20 7.52 -34.37
N ARG B 101 4.63 8.69 -34.26
CA ARG B 101 5.39 9.96 -33.96
C ARG B 101 6.20 9.79 -32.68
N LEU B 102 5.61 9.23 -31.63
CA LEU B 102 6.21 9.13 -30.28
C LEU B 102 7.38 8.16 -30.27
N GLY B 103 7.39 7.18 -31.16
CA GLY B 103 8.48 6.19 -31.30
C GLY B 103 8.45 5.17 -30.20
N VAL B 104 7.30 5.00 -29.53
CA VAL B 104 7.15 4.02 -28.43
C VAL B 104 7.23 2.62 -29.04
N ASN B 105 7.59 1.65 -28.22
CA ASN B 105 7.64 0.23 -28.61
C ASN B 105 6.39 -0.50 -28.12
N SER B 106 5.58 0.14 -27.28
CA SER B 106 4.32 -0.44 -26.79
C SER B 106 3.31 0.67 -26.52
N VAL B 107 2.03 0.27 -26.55
CA VAL B 107 0.87 1.16 -26.27
C VAL B 107 -0.28 0.31 -25.67
N ALA B 108 -0.92 0.89 -24.66
CA ALA B 108 -2.16 0.38 -24.02
C ALA B 108 -3.33 1.15 -24.64
N ILE B 109 -4.32 0.43 -25.18
N ILE B 109 -4.29 0.44 -25.23
CA ILE B 109 -5.46 1.06 -25.91
CA ILE B 109 -5.45 1.04 -25.97
C ILE B 109 -6.78 0.43 -25.44
C ILE B 109 -6.76 0.43 -25.45
N PRO B 110 -7.80 1.25 -25.15
CA PRO B 110 -9.14 0.76 -24.88
C PRO B 110 -9.98 0.69 -26.16
N LEU B 111 -11.14 0.03 -26.13
CA LEU B 111 -12.05 0.00 -27.30
C LEU B 111 -12.93 1.25 -27.27
N LEU B 112 -12.61 2.21 -28.12
CA LEU B 112 -13.33 3.48 -28.21
C LEU B 112 -14.81 3.25 -28.56
N SER B 113 -15.65 4.07 -27.94
CA SER B 113 -17.09 4.21 -28.18
C SER B 113 -17.83 2.92 -27.76
N THR B 114 -17.27 2.09 -26.87
CA THR B 114 -17.95 0.83 -26.47
C THR B 114 -18.64 0.98 -25.10
N GLY B 115 -18.41 2.07 -24.38
CA GLY B 115 -19.04 2.30 -23.06
C GLY B 115 -20.22 3.26 -23.12
N VAL B 116 -20.17 4.35 -22.38
CA VAL B 116 -21.30 5.33 -22.36
C VAL B 116 -21.43 6.03 -23.72
N TYR B 117 -20.46 5.95 -24.65
CA TYR B 117 -20.65 6.49 -26.02
C TYR B 117 -21.24 5.46 -27.00
N SER B 118 -21.60 4.24 -26.59
CA SER B 118 -22.08 3.15 -27.49
C SER B 118 -23.51 3.38 -28.02
N GLY B 119 -24.27 4.29 -27.40
CA GLY B 119 -25.68 4.47 -27.72
C GLY B 119 -26.47 3.22 -27.38
N GLY B 120 -26.02 2.49 -26.36
CA GLY B 120 -26.67 1.25 -25.88
C GLY B 120 -26.50 0.04 -26.77
N LYS B 121 -25.59 0.05 -27.76
CA LYS B 121 -25.35 -1.10 -28.68
C LYS B 121 -24.02 -1.75 -28.33
N ASP B 122 -23.91 -3.05 -28.61
CA ASP B 122 -22.67 -3.87 -28.53
C ASP B 122 -21.78 -3.49 -29.71
N ARG B 123 -20.65 -2.81 -29.45
CA ARG B 123 -19.78 -2.28 -30.54
C ARG B 123 -18.38 -2.92 -30.48
N LEU B 124 -18.25 -4.08 -29.85
CA LEU B 124 -16.92 -4.74 -29.71
C LEU B 124 -16.36 -4.94 -31.12
N THR B 125 -17.09 -5.59 -32.01
CA THR B 125 -16.56 -5.99 -33.34
C THR B 125 -16.25 -4.72 -34.16
N GLN B 126 -17.16 -3.76 -34.16
CA GLN B 126 -16.98 -2.49 -34.90
C GLN B 126 -15.71 -1.79 -34.42
N SER B 127 -15.56 -1.64 -33.12
CA SER B 127 -14.50 -0.81 -32.53
C SER B 127 -13.16 -1.54 -32.74
N LEU B 128 -13.15 -2.86 -32.54
CA LEU B 128 -11.92 -3.67 -32.73
C LEU B 128 -11.52 -3.65 -34.21
N ASN B 129 -12.47 -3.68 -35.14
CA ASN B 129 -12.16 -3.67 -36.60
C ASN B 129 -11.45 -2.35 -36.92
N HIS B 130 -11.92 -1.24 -36.38
CA HIS B 130 -11.30 0.08 -36.68
C HIS B 130 -9.93 0.17 -35.98
N LEU B 131 -9.78 -0.47 -34.84
CA LEU B 131 -8.48 -0.48 -34.10
C LEU B 131 -7.46 -1.20 -34.99
N PHE B 132 -7.79 -2.40 -35.43
CA PHE B 132 -6.88 -3.16 -36.32
C PHE B 132 -6.58 -2.37 -37.60
N THR B 133 -7.62 -1.82 -38.28
CA THR B 133 -7.40 -1.13 -39.57
C THR B 133 -6.33 -0.04 -39.40
N ALA B 134 -6.36 0.70 -38.29
CA ALA B 134 -5.39 1.77 -38.02
C ALA B 134 -4.04 1.19 -37.56
N MET B 135 -4.04 0.24 -36.63
CA MET B 135 -2.81 -0.14 -35.91
C MET B 135 -2.03 -1.20 -36.71
N ASP B 136 -2.62 -1.88 -37.69
CA ASP B 136 -1.94 -3.03 -38.37
C ASP B 136 -0.61 -2.57 -39.00
N SER B 137 -0.55 -1.36 -39.52
CA SER B 137 0.65 -0.84 -40.23
C SER B 137 1.70 -0.29 -39.25
N THR B 138 1.44 -0.24 -37.95
CA THR B 138 2.41 0.23 -36.94
C THR B 138 3.20 -0.97 -36.42
N ASP B 139 4.38 -0.73 -35.87
CA ASP B 139 5.22 -1.83 -35.33
C ASP B 139 5.29 -1.81 -33.81
N ALA B 140 4.48 -1.01 -33.11
CA ALA B 140 4.41 -1.09 -31.64
C ALA B 140 3.71 -2.37 -31.18
N ASP B 141 4.11 -2.90 -30.03
CA ASP B 141 3.31 -3.91 -29.32
C ASP B 141 2.03 -3.23 -28.83
N VAL B 142 0.89 -3.71 -29.27
CA VAL B 142 -0.43 -3.16 -28.84
C VAL B 142 -1.05 -4.08 -27.80
N VAL B 143 -1.44 -3.47 -26.69
CA VAL B 143 -2.12 -4.17 -25.58
C VAL B 143 -3.50 -3.51 -25.42
N ILE B 144 -4.52 -4.28 -25.74
CA ILE B 144 -5.94 -3.86 -25.69
C ILE B 144 -6.50 -4.16 -24.30
N TYR B 145 -7.07 -3.15 -23.63
CA TYR B 145 -7.63 -3.32 -22.27
C TYR B 145 -9.16 -3.43 -22.35
N CYS B 146 -9.75 -4.29 -21.53
CA CYS B 146 -11.23 -4.42 -21.37
C CYS B 146 -11.47 -4.78 -19.90
N ARG B 147 -12.74 -4.80 -19.48
CA ARG B 147 -13.10 -5.16 -18.08
C ARG B 147 -13.96 -6.43 -18.07
N ASP B 148 -14.87 -6.59 -19.03
CA ASP B 148 -15.82 -7.73 -19.10
C ASP B 148 -15.05 -9.01 -19.46
N LYS B 149 -15.36 -10.11 -18.77
CA LYS B 149 -14.65 -11.41 -18.93
C LYS B 149 -14.96 -12.01 -20.30
N GLU B 150 -16.20 -11.86 -20.80
CA GLU B 150 -16.63 -12.43 -22.11
C GLU B 150 -16.08 -11.57 -23.26
N TRP B 151 -16.00 -10.25 -23.08
CA TRP B 151 -15.30 -9.37 -24.07
C TRP B 151 -13.82 -9.81 -24.17
N GLU B 152 -13.14 -10.03 -23.04
CA GLU B 152 -11.72 -10.50 -23.06
C GLU B 152 -11.60 -11.73 -23.97
N LYS B 153 -12.51 -12.69 -23.81
CA LYS B 153 -12.55 -13.95 -24.62
C LYS B 153 -12.67 -13.60 -26.11
N LYS B 154 -13.67 -12.79 -26.48
CA LYS B 154 -13.97 -12.46 -27.90
C LYS B 154 -12.77 -11.72 -28.51
N ILE B 155 -12.15 -10.81 -27.75
CA ILE B 155 -10.99 -9.98 -28.25
C ILE B 155 -9.80 -10.93 -28.48
N SER B 156 -9.50 -11.75 -27.47
CA SER B 156 -8.43 -12.78 -27.57
C SER B 156 -8.68 -13.65 -28.82
N GLU B 157 -9.93 -14.05 -29.05
CA GLU B 157 -10.30 -14.97 -30.16
C GLU B 157 -10.11 -14.26 -31.51
N ALA B 158 -10.46 -12.98 -31.60
CA ALA B 158 -10.26 -12.16 -32.81
C ALA B 158 -8.74 -12.01 -33.07
N ILE B 159 -7.90 -11.82 -32.05
CA ILE B 159 -6.42 -11.67 -32.26
C ILE B 159 -5.85 -12.98 -32.83
N GLN B 160 -6.16 -14.09 -32.17
CA GLN B 160 -5.60 -15.44 -32.48
C GLN B 160 -5.98 -15.89 -33.90
N MET B 161 -7.19 -15.54 -34.34
CA MET B 161 -7.80 -16.00 -35.62
C MET B 161 -7.10 -15.36 -36.83
N ARG B 162 -6.31 -14.31 -36.64
CA ARG B 162 -5.70 -13.56 -37.78
C ARG B 162 -4.31 -14.10 -38.12
N THR B 163 -3.70 -14.84 -37.19
CA THR B 163 -2.29 -15.30 -37.21
C THR B 163 -2.25 -16.81 -37.50
N GLY C 1 2.10 -24.88 12.94
CA GLY C 1 3.12 -23.86 13.40
C GLY C 1 4.48 -24.48 13.67
N ALA C 2 5.56 -23.79 13.29
CA ALA C 2 6.93 -24.10 13.73
C ALA C 2 6.96 -23.92 15.26
N MET C 3 7.72 -24.77 15.97
CA MET C 3 7.81 -24.75 17.46
C MET C 3 8.47 -23.43 17.91
N ALA C 4 9.39 -22.88 17.13
CA ALA C 4 10.03 -21.57 17.40
C ALA C 4 10.14 -20.82 16.09
N PRO C 5 9.03 -20.20 15.61
CA PRO C 5 9.01 -19.54 14.29
C PRO C 5 10.23 -18.63 14.09
N SER C 6 10.91 -18.75 12.95
CA SER C 6 12.13 -17.97 12.63
C SER C 6 12.07 -17.32 11.25
N TYR C 7 13.02 -16.44 11.03
CA TYR C 7 13.43 -15.90 9.72
C TYR C 7 14.84 -16.36 9.38
N ARG C 8 15.06 -16.71 8.12
CA ARG C 8 16.39 -17.08 7.58
C ARG C 8 16.50 -16.50 6.18
N VAL C 9 17.71 -16.26 5.69
CA VAL C 9 17.92 -15.87 4.28
C VAL C 9 18.89 -16.87 3.66
N LYS C 10 18.66 -17.19 2.37
CA LYS C 10 19.54 -18.07 1.55
C LYS C 10 19.78 -17.44 0.18
N ARG C 11 20.99 -17.60 -0.35
CA ARG C 11 21.43 -17.07 -1.67
C ARG C 11 21.43 -18.22 -2.70
N MET C 12 20.27 -18.54 -3.26
CA MET C 12 20.11 -19.63 -4.28
C MET C 12 18.78 -19.46 -5.02
N ASP C 13 18.57 -20.31 -6.04
CA ASP C 13 17.32 -20.36 -6.85
C ASP C 13 16.18 -20.82 -5.94
N ILE C 14 15.18 -19.95 -5.76
CA ILE C 14 13.95 -20.23 -5.00
C ILE C 14 13.26 -21.48 -5.59
N ALA C 15 13.55 -21.79 -6.86
CA ALA C 15 12.94 -22.94 -7.54
C ALA C 15 13.46 -24.27 -6.94
N LYS C 16 14.54 -24.19 -6.14
N LYS C 16 14.53 -24.22 -6.15
CA LYS C 16 15.19 -25.33 -5.44
CA LYS C 16 15.09 -25.42 -5.47
C LYS C 16 14.95 -25.27 -3.93
C LYS C 16 14.97 -25.24 -3.95
N ASN C 17 13.95 -24.53 -3.47
CA ASN C 17 13.76 -24.32 -2.03
C ASN C 17 13.48 -25.63 -1.26
N ASP C 18 13.69 -25.58 0.05
CA ASP C 18 13.49 -26.69 1.02
C ASP C 18 12.29 -26.42 1.94
N GLU C 19 11.31 -25.63 1.51
CA GLU C 19 10.13 -25.30 2.34
C GLU C 19 8.85 -25.95 1.80
N GLU C 20 7.78 -25.84 2.58
CA GLU C 20 6.49 -26.52 2.30
C GLU C 20 5.66 -25.81 1.24
N CYS C 21 6.02 -24.58 0.88
CA CYS C 21 5.34 -23.81 -0.18
C CYS C 21 6.24 -22.68 -0.65
N VAL C 22 5.90 -22.11 -1.80
CA VAL C 22 6.71 -21.04 -2.44
C VAL C 22 5.82 -19.84 -2.75
N VAL C 23 6.39 -18.65 -2.60
CA VAL C 23 5.80 -17.40 -3.10
C VAL C 23 6.43 -17.05 -4.43
N ASN C 24 5.58 -16.89 -5.45
CA ASN C 24 6.04 -16.44 -6.79
C ASN C 24 5.91 -14.91 -6.85
N ALA C 25 6.90 -14.23 -7.37
CA ALA C 25 6.81 -12.78 -7.68
C ALA C 25 6.08 -12.67 -9.02
N ALA C 26 4.78 -12.77 -8.96
CA ALA C 26 3.88 -13.02 -10.12
C ALA C 26 3.60 -11.70 -10.86
N ASN C 27 2.97 -11.81 -12.03
CA ASN C 27 2.42 -10.64 -12.77
C ASN C 27 0.91 -10.76 -12.77
N PRO C 28 0.15 -9.66 -12.93
CA PRO C 28 -1.31 -9.76 -12.84
C PRO C 28 -2.01 -10.67 -13.87
N ARG C 29 -1.34 -10.98 -14.99
CA ARG C 29 -1.89 -11.79 -16.10
C ARG C 29 -1.70 -13.28 -15.82
N GLY C 30 -0.73 -13.65 -14.98
CA GLY C 30 -0.42 -15.06 -14.71
C GLY C 30 0.41 -15.69 -15.81
N LEU C 31 1.30 -14.89 -16.43
CA LEU C 31 2.22 -15.31 -17.51
C LEU C 31 3.55 -15.75 -16.92
N PRO C 32 4.34 -16.57 -17.64
CA PRO C 32 5.68 -16.96 -17.19
C PRO C 32 6.62 -15.80 -16.81
N GLY C 33 6.43 -14.62 -17.41
CA GLY C 33 7.18 -13.41 -17.05
C GLY C 33 8.68 -13.65 -17.20
N ASP C 34 9.47 -13.08 -16.28
CA ASP C 34 10.96 -13.20 -16.25
C ASP C 34 11.44 -13.09 -14.80
N GLY C 35 12.74 -13.27 -14.57
CA GLY C 35 13.31 -13.27 -13.21
C GLY C 35 12.85 -14.52 -12.46
N VAL C 36 12.44 -14.39 -11.20
CA VAL C 36 12.01 -15.56 -10.36
C VAL C 36 10.73 -16.16 -10.97
N CYS C 37 9.86 -15.33 -11.55
CA CYS C 37 8.58 -15.78 -12.18
C CYS C 37 8.85 -16.82 -13.28
N LYS C 38 9.89 -16.68 -14.10
CA LYS C 38 10.24 -17.67 -15.18
C LYS C 38 10.82 -18.96 -14.57
N ALA C 39 11.77 -18.87 -13.65
CA ALA C 39 12.32 -20.04 -12.91
C ALA C 39 11.18 -20.81 -12.22
N VAL C 40 10.18 -20.12 -11.69
CA VAL C 40 9.00 -20.71 -10.99
C VAL C 40 8.14 -21.41 -12.05
N TYR C 41 7.92 -20.77 -13.20
CA TYR C 41 7.12 -21.34 -14.31
C TYR C 41 7.79 -22.63 -14.81
N LYS C 42 9.12 -22.68 -14.88
CA LYS C 42 9.83 -23.89 -15.39
C LYS C 42 9.70 -25.02 -14.35
N LYS C 43 9.75 -24.72 -13.04
CA LYS C 43 9.63 -25.74 -11.96
C LYS C 43 8.17 -26.20 -11.76
N TRP C 44 7.21 -25.28 -11.79
CA TRP C 44 5.80 -25.56 -11.38
C TRP C 44 4.83 -25.01 -12.40
N PRO C 45 4.93 -25.42 -13.69
CA PRO C 45 4.08 -24.84 -14.72
C PRO C 45 2.59 -25.04 -14.46
N GLU C 46 2.19 -26.17 -13.87
CA GLU C 46 0.76 -26.47 -13.58
C GLU C 46 0.13 -25.43 -12.65
N SER C 47 0.96 -24.78 -11.81
CA SER C 47 0.47 -23.77 -10.84
C SER C 47 0.03 -22.50 -11.58
N PHE C 48 0.30 -22.37 -12.88
CA PHE C 48 -0.05 -21.16 -13.67
C PHE C 48 -1.45 -21.26 -14.32
N LYS C 49 -2.15 -22.38 -14.08
CA LYS C 49 -3.57 -22.57 -14.47
C LYS C 49 -4.44 -21.58 -13.68
N ASN C 50 -5.01 -20.58 -14.35
CA ASN C 50 -5.92 -19.58 -13.72
C ASN C 50 -5.28 -18.88 -12.52
N SER C 51 -3.99 -18.52 -12.63
CA SER C 51 -3.21 -17.87 -11.54
C SER C 51 -3.43 -16.34 -11.56
N ALA C 52 -3.98 -15.80 -12.66
CA ALA C 52 -4.12 -14.34 -12.84
C ALA C 52 -4.77 -13.77 -11.58
N THR C 53 -4.24 -12.67 -11.05
CA THR C 53 -4.74 -12.02 -9.84
C THR C 53 -4.21 -10.57 -9.85
N PRO C 54 -4.99 -9.62 -9.30
CA PRO C 54 -4.62 -8.20 -9.40
C PRO C 54 -3.40 -7.78 -8.55
N VAL C 55 -2.76 -6.69 -8.98
CA VAL C 55 -1.75 -5.96 -8.16
C VAL C 55 -2.27 -5.81 -6.73
N GLY C 56 -1.40 -6.10 -5.74
CA GLY C 56 -1.76 -5.99 -4.33
C GLY C 56 -2.43 -7.21 -3.70
N THR C 57 -2.53 -8.31 -4.46
CA THR C 57 -3.23 -9.56 -4.07
C THR C 57 -2.30 -10.76 -4.15
N ALA C 58 -2.74 -11.89 -3.58
CA ALA C 58 -2.03 -13.18 -3.74
C ALA C 58 -3.10 -14.24 -4.01
N LYS C 59 -2.78 -15.17 -4.88
CA LYS C 59 -3.64 -16.32 -5.25
C LYS C 59 -2.80 -17.59 -5.22
N THR C 60 -3.26 -18.60 -4.49
CA THR C 60 -2.55 -19.90 -4.40
C THR C 60 -3.09 -20.87 -5.45
N VAL C 61 -2.21 -21.45 -6.22
CA VAL C 61 -2.54 -22.62 -7.10
C VAL C 61 -1.61 -23.79 -6.78
N MET C 62 -2.18 -25.00 -6.66
CA MET C 62 -1.40 -26.22 -6.38
C MET C 62 -0.71 -26.71 -7.65
N CYS C 63 0.54 -27.11 -7.53
CA CYS C 63 1.25 -27.94 -8.50
C CYS C 63 1.35 -29.33 -7.87
N GLY C 64 0.49 -30.27 -8.28
CA GLY C 64 0.27 -31.50 -7.49
C GLY C 64 -0.35 -31.17 -6.15
N THR C 65 0.37 -31.33 -5.04
CA THR C 65 -0.04 -30.88 -3.70
C THR C 65 0.87 -29.74 -3.20
N TYR C 66 1.82 -29.28 -4.02
CA TYR C 66 2.81 -28.27 -3.60
C TYR C 66 2.24 -26.87 -3.86
N PRO C 67 1.95 -26.03 -2.81
CA PRO C 67 1.29 -24.76 -3.04
C PRO C 67 2.28 -23.72 -3.59
N VAL C 68 1.85 -23.07 -4.66
CA VAL C 68 2.52 -21.88 -5.22
C VAL C 68 1.62 -20.67 -4.96
N ILE C 69 2.13 -19.71 -4.18
CA ILE C 69 1.36 -18.51 -3.77
C ILE C 69 1.77 -17.39 -4.73
N HIS C 70 0.93 -17.05 -5.71
CA HIS C 70 1.28 -16.02 -6.72
C HIS C 70 0.97 -14.65 -6.11
N ALA C 71 2.00 -13.88 -5.77
CA ALA C 71 1.87 -12.56 -5.11
C ALA C 71 2.28 -11.48 -6.09
N VAL C 72 1.34 -10.56 -6.35
CA VAL C 72 1.56 -9.50 -7.37
C VAL C 72 1.87 -8.18 -6.67
N GLY C 73 3.16 -7.86 -6.63
CA GLY C 73 3.61 -6.55 -6.15
C GLY C 73 3.41 -5.55 -7.26
N PRO C 74 3.40 -4.26 -6.90
CA PRO C 74 3.33 -3.23 -7.94
C PRO C 74 4.65 -3.11 -8.70
N ASN C 75 4.55 -2.71 -9.97
CA ASN C 75 5.67 -2.32 -10.84
C ASN C 75 5.87 -0.82 -10.66
N PHE C 76 6.95 -0.43 -9.99
CA PHE C 76 7.20 1.00 -9.66
C PHE C 76 7.62 1.77 -10.91
N SER C 77 7.80 1.15 -12.08
CA SER C 77 7.92 1.92 -13.35
C SER C 77 6.61 2.65 -13.64
N ASN C 78 5.49 2.07 -13.19
CA ASN C 78 4.10 2.51 -13.49
C ASN C 78 3.55 3.29 -12.28
N TYR C 79 3.84 2.80 -11.07
CA TYR C 79 3.18 3.26 -9.84
C TYR C 79 3.98 4.41 -9.25
N THR C 80 3.30 5.38 -8.66
CA THR C 80 4.02 6.43 -7.90
C THR C 80 4.60 5.78 -6.64
N GLU C 81 5.52 6.46 -5.97
CA GLU C 81 6.04 5.95 -4.68
C GLU C 81 4.92 5.79 -3.67
N SER C 82 4.01 6.77 -3.58
CA SER C 82 2.89 6.70 -2.62
C SER C 82 1.99 5.50 -2.91
N GLU C 83 1.47 5.38 -4.13
CA GLU C 83 0.47 4.31 -4.45
C GLU C 83 1.17 2.94 -4.43
N GLY C 84 2.39 2.88 -4.90
CA GLY C 84 3.12 1.60 -4.91
C GLY C 84 3.41 1.13 -3.49
N ASP C 85 3.74 2.04 -2.57
CA ASP C 85 4.06 1.63 -1.19
C ASP C 85 2.87 0.89 -0.60
N ARG C 86 1.66 1.39 -0.83
CA ARG C 86 0.43 0.78 -0.27
C ARG C 86 0.20 -0.60 -0.92
N GLU C 87 0.36 -0.71 -2.24
CA GLU C 87 0.09 -1.99 -2.95
C GLU C 87 1.13 -3.06 -2.51
N LEU C 88 2.37 -2.65 -2.28
CA LEU C 88 3.45 -3.60 -1.88
C LEU C 88 3.11 -4.13 -0.48
N ALA C 89 2.70 -3.25 0.43
CA ALA C 89 2.24 -3.66 1.78
C ALA C 89 1.09 -4.66 1.66
N ALA C 90 0.12 -4.40 0.78
CA ALA C 90 -1.09 -5.22 0.64
C ALA C 90 -0.72 -6.61 0.09
N ALA C 91 0.19 -6.70 -0.88
CA ALA C 91 0.63 -7.98 -1.50
C ALA C 91 1.17 -8.85 -0.38
N TYR C 92 2.04 -8.31 0.46
CA TYR C 92 2.58 -9.07 1.62
C TYR C 92 1.51 -9.51 2.62
N ARG C 93 0.56 -8.64 2.95
N ARG C 93 0.54 -8.65 2.95
CA ARG C 93 -0.56 -9.01 3.87
CA ARG C 93 -0.55 -9.04 3.87
C ARG C 93 -1.31 -10.21 3.28
C ARG C 93 -1.33 -10.21 3.28
N GLU C 94 -1.55 -10.21 1.96
CA GLU C 94 -2.24 -11.33 1.29
C GLU C 94 -1.36 -12.61 1.34
N VAL C 95 -0.04 -12.50 1.26
CA VAL C 95 0.84 -13.70 1.39
C VAL C 95 0.65 -14.27 2.80
N ALA C 96 0.61 -13.44 3.84
CA ALA C 96 0.43 -13.90 5.25
C ALA C 96 -0.88 -14.64 5.41
N LYS C 97 -1.95 -14.13 4.79
CA LYS C 97 -3.28 -14.79 4.80
C LYS C 97 -3.18 -16.16 4.11
N GLU C 98 -2.52 -16.22 2.95
CA GLU C 98 -2.43 -17.48 2.16
C GLU C 98 -1.62 -18.51 2.94
N VAL C 99 -0.50 -18.10 3.52
CA VAL C 99 0.36 -19.02 4.33
C VAL C 99 -0.45 -19.54 5.51
N THR C 100 -1.22 -18.67 6.19
CA THR C 100 -2.03 -19.08 7.37
C THR C 100 -3.10 -20.09 6.91
N ARG C 101 -3.82 -19.76 5.86
CA ARG C 101 -4.91 -20.62 5.30
C ARG C 101 -4.35 -22.02 5.02
N LEU C 102 -3.17 -22.13 4.41
CA LEU C 102 -2.62 -23.44 4.00
C LEU C 102 -2.21 -24.30 5.20
N GLY C 103 -1.93 -23.74 6.36
CA GLY C 103 -1.50 -24.52 7.55
C GLY C 103 -0.04 -24.96 7.47
N VAL C 104 0.75 -24.46 6.52
CA VAL C 104 2.18 -24.84 6.30
C VAL C 104 3.04 -24.43 7.50
N ASN C 105 4.14 -25.16 7.73
CA ASN C 105 5.09 -24.81 8.82
C ASN C 105 6.27 -23.99 8.28
N SER C 106 6.34 -23.78 6.97
CA SER C 106 7.45 -23.06 6.32
C SER C 106 7.02 -22.51 4.96
N VAL C 107 7.72 -21.47 4.51
CA VAL C 107 7.42 -20.77 3.22
C VAL C 107 8.73 -20.16 2.71
N ALA C 108 9.00 -20.29 1.41
CA ALA C 108 10.09 -19.68 0.66
C ALA C 108 9.54 -18.42 0.00
N ILE C 109 10.17 -17.27 0.27
N ILE C 109 10.20 -17.28 0.21
CA ILE C 109 9.66 -15.94 -0.20
CA ILE C 109 9.64 -15.98 -0.25
C ILE C 109 10.81 -15.16 -0.85
C ILE C 109 10.78 -15.13 -0.82
N PRO C 110 10.55 -14.50 -2.01
CA PRO C 110 11.47 -13.53 -2.58
C PRO C 110 11.05 -12.12 -2.13
N LEU C 111 11.92 -11.15 -2.29
CA LEU C 111 11.53 -9.75 -1.93
C LEU C 111 10.76 -9.16 -3.12
N LEU C 112 9.48 -8.90 -2.91
CA LEU C 112 8.59 -8.43 -3.98
C LEU C 112 9.01 -7.03 -4.44
N SER C 113 8.79 -6.77 -5.72
CA SER C 113 9.00 -5.45 -6.34
C SER C 113 10.47 -5.03 -6.23
N THR C 114 11.46 -5.94 -6.17
CA THR C 114 12.89 -5.53 -6.07
C THR C 114 13.70 -5.85 -7.35
N GLY C 115 13.10 -6.51 -8.33
CA GLY C 115 13.77 -6.84 -9.62
C GLY C 115 13.24 -5.97 -10.75
N VAL C 116 12.60 -6.56 -11.75
CA VAL C 116 12.11 -5.81 -12.95
C VAL C 116 10.99 -4.85 -12.57
N TYR C 117 10.34 -5.05 -11.41
CA TYR C 117 9.27 -4.16 -10.90
C TYR C 117 9.80 -3.05 -9.96
N SER C 118 11.13 -2.94 -9.80
CA SER C 118 11.78 -1.98 -8.87
C SER C 118 11.70 -0.55 -9.40
N GLY C 119 11.44 -0.37 -10.70
CA GLY C 119 11.50 0.96 -11.35
C GLY C 119 12.91 1.53 -11.30
N GLY C 120 13.92 0.67 -11.22
CA GLY C 120 15.34 1.04 -11.17
C GLY C 120 15.89 1.50 -9.83
N LYS C 121 15.14 1.38 -8.73
CA LYS C 121 15.58 1.80 -7.38
C LYS C 121 15.96 0.57 -6.54
N ASP C 122 16.88 0.76 -5.60
CA ASP C 122 17.17 -0.22 -4.51
C ASP C 122 15.98 -0.23 -3.56
N ARG C 123 15.21 -1.34 -3.51
CA ARG C 123 14.02 -1.46 -2.60
C ARG C 123 14.17 -2.54 -1.52
N LEU C 124 15.41 -2.91 -1.16
CA LEU C 124 15.67 -4.00 -0.19
C LEU C 124 15.01 -3.67 1.16
N THR C 125 15.30 -2.51 1.75
CA THR C 125 14.76 -2.11 3.07
C THR C 125 13.25 -2.00 2.97
N GLN C 126 12.74 -1.35 1.93
CA GLN C 126 11.28 -1.12 1.79
C GLN C 126 10.56 -2.48 1.73
N SER C 127 11.04 -3.32 0.82
CA SER C 127 10.39 -4.64 0.57
C SER C 127 10.47 -5.46 1.86
N LEU C 128 11.66 -5.54 2.46
CA LEU C 128 11.87 -6.38 3.68
C LEU C 128 11.03 -5.85 4.84
N ASN C 129 10.93 -4.53 5.01
CA ASN C 129 10.07 -3.96 6.09
C ASN C 129 8.62 -4.44 5.87
N HIS C 130 8.07 -4.38 4.66
CA HIS C 130 6.67 -4.80 4.42
C HIS C 130 6.56 -6.32 4.69
N LEU C 131 7.58 -7.10 4.36
CA LEU C 131 7.56 -8.57 4.58
C LEU C 131 7.43 -8.83 6.07
N PHE C 132 8.27 -8.19 6.88
CA PHE C 132 8.21 -8.35 8.35
C PHE C 132 6.87 -7.87 8.90
N THR C 133 6.34 -6.73 8.45
CA THR C 133 5.05 -6.19 8.97
C THR C 133 3.95 -7.25 8.81
N ALA C 134 3.94 -7.97 7.67
CA ALA C 134 2.90 -8.97 7.33
C ALA C 134 3.19 -10.32 8.01
N MET C 135 4.45 -10.76 8.02
CA MET C 135 4.80 -12.16 8.41
C MET C 135 5.06 -12.27 9.92
N ASP C 136 5.26 -11.17 10.66
CA ASP C 136 5.66 -11.30 12.08
C ASP C 136 4.57 -11.99 12.88
N SER C 137 3.29 -11.83 12.55
CA SER C 137 2.16 -12.41 13.30
C SER C 137 1.87 -13.86 12.84
N THR C 138 2.59 -14.39 11.88
CA THR C 138 2.49 -15.82 11.44
C THR C 138 3.48 -16.68 12.19
N ASP C 139 3.18 -17.99 12.30
CA ASP C 139 4.05 -18.94 13.05
C ASP C 139 4.81 -19.84 12.07
N ALA C 140 4.80 -19.58 10.77
CA ALA C 140 5.60 -20.38 9.81
C ALA C 140 7.06 -19.98 9.89
N ASP C 141 7.97 -20.92 9.65
CA ASP C 141 9.38 -20.60 9.33
C ASP C 141 9.41 -19.87 7.99
N VAL C 142 10.01 -18.70 7.94
CA VAL C 142 10.13 -17.91 6.70
C VAL C 142 11.55 -17.95 6.21
N VAL C 143 11.74 -18.35 4.97
CA VAL C 143 13.07 -18.42 4.34
C VAL C 143 13.09 -17.50 3.13
N ILE C 144 13.86 -16.42 3.22
CA ILE C 144 13.95 -15.39 2.14
C ILE C 144 15.03 -15.81 1.16
N TYR C 145 14.72 -15.82 -0.13
CA TYR C 145 15.68 -16.20 -1.21
C TYR C 145 16.15 -14.95 -1.92
N CYS C 146 17.46 -14.83 -2.11
CA CYS C 146 18.06 -13.73 -2.90
C CYS C 146 19.17 -14.30 -3.79
N ARG C 147 19.74 -13.45 -4.66
CA ARG C 147 20.79 -13.81 -5.64
C ARG C 147 22.08 -13.05 -5.32
N ASP C 148 22.01 -11.72 -5.17
CA ASP C 148 23.21 -10.85 -4.94
C ASP C 148 23.82 -11.17 -3.57
N LYS C 149 25.15 -11.13 -3.45
CA LYS C 149 25.88 -11.50 -2.21
C LYS C 149 25.75 -10.39 -1.15
N GLU C 150 25.70 -9.12 -1.54
CA GLU C 150 25.58 -7.97 -0.59
C GLU C 150 24.14 -7.89 -0.07
N TRP C 151 23.15 -8.23 -0.89
CA TRP C 151 21.73 -8.29 -0.42
C TRP C 151 21.63 -9.37 0.65
N GLU C 152 22.26 -10.53 0.45
CA GLU C 152 22.26 -11.59 1.48
C GLU C 152 22.77 -11.03 2.81
N LYS C 153 23.85 -10.23 2.78
CA LYS C 153 24.47 -9.71 4.02
C LYS C 153 23.53 -8.70 4.72
N LYS C 154 22.93 -7.79 3.94
CA LYS C 154 22.00 -6.75 4.46
C LYS C 154 20.74 -7.41 5.03
N ILE C 155 20.19 -8.40 4.33
CA ILE C 155 18.98 -9.11 4.87
C ILE C 155 19.36 -9.85 6.17
N SER C 156 20.50 -10.53 6.16
CA SER C 156 20.97 -11.28 7.35
C SER C 156 21.12 -10.35 8.56
N GLU C 157 21.72 -9.18 8.36
CA GLU C 157 21.93 -8.13 9.40
C GLU C 157 20.57 -7.68 9.95
N ALA C 158 19.60 -7.45 9.09
CA ALA C 158 18.26 -6.97 9.46
C ALA C 158 17.55 -8.00 10.35
N ILE C 159 17.67 -9.27 10.00
CA ILE C 159 17.01 -10.37 10.75
C ILE C 159 17.62 -10.42 12.15
N GLN C 160 18.95 -10.45 12.24
CA GLN C 160 19.65 -10.72 13.52
C GLN C 160 19.58 -9.50 14.44
N MET C 161 19.38 -8.30 13.89
CA MET C 161 19.20 -7.04 14.67
C MET C 161 18.00 -7.18 15.64
N ARG C 162 16.95 -7.89 15.24
CA ARG C 162 15.70 -8.02 16.06
C ARG C 162 15.65 -9.24 17.01
N THR C 163 16.60 -10.17 16.87
CA THR C 163 16.73 -11.39 17.72
C THR C 163 17.75 -11.11 18.83
N PRO D 5 -13.11 -20.00 40.47
CA PRO D 5 -11.97 -19.13 40.16
C PRO D 5 -12.40 -17.67 40.01
N SER D 6 -12.58 -16.97 41.14
CA SER D 6 -13.10 -15.59 41.27
C SER D 6 -12.57 -14.69 40.15
N TYR D 7 -13.44 -13.84 39.58
CA TYR D 7 -13.10 -12.91 38.46
C TYR D 7 -13.29 -11.46 38.88
N ARG D 8 -12.31 -10.63 38.53
CA ARG D 8 -12.34 -9.15 38.66
C ARG D 8 -11.80 -8.52 37.40
N VAL D 9 -12.05 -7.23 37.23
CA VAL D 9 -11.52 -6.43 36.11
C VAL D 9 -10.87 -5.18 36.68
N LYS D 10 -9.72 -4.79 36.13
CA LYS D 10 -9.04 -3.52 36.47
C LYS D 10 -8.75 -2.79 35.17
N ARG D 11 -9.03 -1.49 35.14
CA ARG D 11 -8.60 -0.55 34.08
C ARG D 11 -7.23 -0.02 34.49
N MET D 12 -6.15 -0.66 34.03
CA MET D 12 -4.76 -0.22 34.28
C MET D 12 -3.81 -1.09 33.48
N ASP D 13 -2.56 -0.64 33.45
CA ASP D 13 -1.44 -1.29 32.73
C ASP D 13 -1.16 -2.64 33.40
N ILE D 14 -1.32 -3.74 32.67
CA ILE D 14 -1.09 -5.11 33.20
C ILE D 14 0.38 -5.25 33.65
N ALA D 15 1.27 -4.39 33.16
CA ALA D 15 2.71 -4.36 33.56
C ALA D 15 2.82 -3.92 35.02
N LYS D 16 1.73 -3.42 35.61
CA LYS D 16 1.70 -3.01 37.04
C LYS D 16 0.72 -3.86 37.83
N ASN D 17 0.45 -5.10 37.42
CA ASN D 17 -0.53 -5.98 38.09
C ASN D 17 -0.12 -6.32 39.53
N ASP D 18 -1.09 -6.73 40.32
CA ASP D 18 -0.93 -7.12 41.74
C ASP D 18 -1.16 -8.62 41.91
N GLU D 19 -0.88 -9.43 40.89
CA GLU D 19 -1.11 -10.88 40.93
C GLU D 19 0.21 -11.68 40.88
N GLU D 20 0.13 -13.00 41.13
CA GLU D 20 1.33 -13.86 41.27
C GLU D 20 1.99 -14.15 39.92
N CYS D 21 1.30 -13.93 38.79
CA CYS D 21 1.88 -14.20 37.46
C CYS D 21 1.07 -13.41 36.43
N VAL D 22 1.64 -13.27 35.25
CA VAL D 22 1.02 -12.45 34.18
C VAL D 22 0.93 -13.28 32.91
N VAL D 23 -0.13 -13.05 32.16
CA VAL D 23 -0.26 -13.56 30.76
C VAL D 23 0.09 -12.42 29.78
N ASN D 24 1.03 -12.67 28.92
CA ASN D 24 1.42 -11.77 27.83
C ASN D 24 0.54 -12.09 26.63
N ALA D 25 0.00 -11.07 25.99
CA ALA D 25 -0.64 -11.20 24.63
C ALA D 25 0.50 -11.19 23.61
N ALA D 26 1.11 -12.35 23.40
CA ALA D 26 2.39 -12.50 22.72
C ALA D 26 2.24 -12.65 21.20
N ASN D 27 3.33 -12.45 20.48
CA ASN D 27 3.40 -12.82 19.04
C ASN D 27 4.18 -14.12 18.95
N PRO D 28 4.02 -14.86 17.84
CA PRO D 28 4.61 -16.18 17.78
C PRO D 28 6.13 -16.18 17.75
N ARG D 29 6.76 -15.06 17.42
CA ARG D 29 8.24 -15.00 17.17
C ARG D 29 8.98 -14.55 18.44
N GLY D 30 8.26 -14.21 19.49
CA GLY D 30 8.86 -13.70 20.74
C GLY D 30 9.45 -12.32 20.56
N LEU D 31 8.93 -11.50 19.64
CA LEU D 31 9.38 -10.11 19.41
C LEU D 31 8.76 -9.21 20.46
N PRO D 32 9.35 -8.03 20.73
CA PRO D 32 8.76 -7.02 21.62
C PRO D 32 7.34 -6.53 21.29
N GLY D 33 7.02 -6.35 20.01
CA GLY D 33 5.64 -6.09 19.58
C GLY D 33 5.17 -4.67 19.92
N ASP D 34 3.87 -4.50 20.18
CA ASP D 34 3.26 -3.23 20.64
C ASP D 34 2.12 -3.55 21.61
N GLY D 35 1.44 -2.53 22.14
CA GLY D 35 0.37 -2.72 23.13
C GLY D 35 0.88 -3.45 24.36
N VAL D 36 0.06 -4.39 24.87
CA VAL D 36 0.35 -5.21 26.09
C VAL D 36 1.75 -5.81 25.91
N CYS D 37 2.04 -6.40 24.75
CA CYS D 37 3.32 -7.13 24.53
C CYS D 37 4.51 -6.20 24.76
N LYS D 38 4.43 -4.95 24.28
CA LYS D 38 5.56 -3.99 24.40
C LYS D 38 5.76 -3.61 25.88
N ALA D 39 4.67 -3.40 26.62
CA ALA D 39 4.69 -3.05 28.06
C ALA D 39 5.29 -4.20 28.87
N VAL D 40 4.95 -5.43 28.49
CA VAL D 40 5.46 -6.68 29.10
C VAL D 40 6.95 -6.78 28.80
N TYR D 41 7.39 -6.46 27.59
CA TYR D 41 8.83 -6.48 27.22
C TYR D 41 9.59 -5.45 28.08
N LYS D 42 9.04 -4.26 28.27
CA LYS D 42 9.74 -3.22 29.08
C LYS D 42 9.86 -3.67 30.54
N LYS D 43 8.84 -4.32 31.09
CA LYS D 43 8.76 -4.70 32.53
C LYS D 43 9.57 -5.96 32.81
N TRP D 44 9.47 -6.98 31.95
CA TRP D 44 10.03 -8.32 32.18
C TRP D 44 10.82 -8.79 30.95
N PRO D 45 11.84 -8.03 30.48
CA PRO D 45 12.53 -8.39 29.24
C PRO D 45 13.20 -9.76 29.30
N GLU D 46 13.64 -10.19 30.49
CA GLU D 46 14.33 -11.50 30.61
C GLU D 46 13.39 -12.64 30.23
N SER D 47 12.06 -12.43 30.33
CA SER D 47 11.05 -13.47 30.07
C SER D 47 10.93 -13.71 28.56
N PHE D 48 11.59 -12.92 27.70
CA PHE D 48 11.54 -13.16 26.24
C PHE D 48 12.65 -14.08 25.71
N LYS D 49 13.44 -14.68 26.61
CA LYS D 49 14.47 -15.70 26.24
C LYS D 49 13.74 -16.96 25.75
N ASN D 50 13.83 -17.26 24.45
CA ASN D 50 13.20 -18.48 23.89
C ASN D 50 11.70 -18.53 24.22
N SER D 51 11.00 -17.39 24.09
CA SER D 51 9.55 -17.28 24.34
C SER D 51 8.75 -17.64 23.07
N ALA D 52 9.40 -17.72 21.91
CA ALA D 52 8.72 -17.99 20.61
C ALA D 52 7.91 -19.27 20.77
N THR D 53 6.68 -19.28 20.27
CA THR D 53 5.78 -20.44 20.40
C THR D 53 4.67 -20.29 19.36
N PRO D 54 4.07 -21.39 18.89
CA PRO D 54 3.12 -21.25 17.80
C PRO D 54 1.80 -20.62 18.23
N VAL D 55 1.04 -20.16 17.23
CA VAL D 55 -0.35 -19.69 17.47
C VAL D 55 -1.13 -20.75 18.22
N GLY D 56 -1.98 -20.35 19.16
CA GLY D 56 -2.83 -21.27 19.95
C GLY D 56 -2.13 -21.98 21.08
N THR D 57 -0.89 -21.58 21.41
CA THR D 57 -0.07 -22.18 22.50
C THR D 57 0.30 -21.13 23.55
N ALA D 58 0.71 -21.63 24.71
CA ALA D 58 1.27 -20.76 25.77
C ALA D 58 2.65 -21.33 26.19
N LYS D 59 3.59 -20.45 26.41
CA LYS D 59 4.94 -20.84 26.88
C LYS D 59 5.29 -19.92 28.07
N THR D 60 5.58 -20.54 29.22
CA THR D 60 5.94 -19.79 30.45
C THR D 60 7.46 -19.62 30.54
N VAL D 61 7.91 -18.39 30.72
CA VAL D 61 9.34 -18.07 30.99
C VAL D 61 9.40 -17.22 32.25
N MET D 62 10.29 -17.58 33.17
CA MET D 62 10.47 -16.83 34.43
C MET D 62 11.25 -15.54 34.20
N CYS D 63 10.84 -14.47 34.88
CA CYS D 63 11.65 -13.26 35.07
C CYS D 63 12.01 -13.20 36.56
N GLY D 64 13.22 -13.61 36.94
CA GLY D 64 13.46 -13.92 38.37
C GLY D 64 12.69 -15.14 38.75
N THR D 65 11.77 -15.01 39.70
CA THR D 65 10.81 -16.07 40.08
C THR D 65 9.38 -15.70 39.63
N TYR D 66 9.22 -14.63 38.85
CA TYR D 66 7.87 -14.16 38.44
C TYR D 66 7.56 -14.77 37.06
N PRO D 67 6.48 -15.59 36.96
CA PRO D 67 6.16 -16.28 35.73
C PRO D 67 5.43 -15.37 34.73
N VAL D 68 5.92 -15.38 33.51
CA VAL D 68 5.29 -14.66 32.37
C VAL D 68 4.81 -15.77 31.42
N ILE D 69 3.49 -15.88 31.27
CA ILE D 69 2.86 -16.93 30.42
C ILE D 69 2.63 -16.25 29.06
N HIS D 70 3.47 -16.51 28.08
CA HIS D 70 3.34 -15.93 26.71
C HIS D 70 2.25 -16.72 25.97
N ALA D 71 1.11 -16.11 25.73
CA ALA D 71 -0.03 -16.79 25.09
C ALA D 71 -0.24 -16.19 23.69
N VAL D 72 -0.22 -17.02 22.66
CA VAL D 72 -0.28 -16.49 21.27
C VAL D 72 -1.70 -16.64 20.71
N GLY D 73 -2.50 -15.60 20.84
CA GLY D 73 -3.81 -15.58 20.17
C GLY D 73 -3.61 -15.44 18.68
N PRO D 74 -4.62 -15.84 17.87
CA PRO D 74 -4.54 -15.64 16.44
C PRO D 74 -4.68 -14.19 15.98
N ASN D 75 -4.01 -13.82 14.91
CA ASN D 75 -4.23 -12.54 14.21
C ASN D 75 -5.39 -12.73 13.26
N PHE D 76 -6.56 -12.15 13.57
CA PHE D 76 -7.74 -12.29 12.67
C PHE D 76 -7.59 -11.61 11.30
N SER D 77 -6.54 -10.83 11.06
CA SER D 77 -6.17 -10.35 9.70
C SER D 77 -5.62 -11.51 8.84
N ASN D 78 -5.13 -12.59 9.47
CA ASN D 78 -4.55 -13.75 8.74
C ASN D 78 -5.51 -14.95 8.72
N TYR D 79 -6.27 -15.18 9.81
CA TYR D 79 -7.09 -16.38 10.04
C TYR D 79 -8.52 -16.06 9.60
N THR D 80 -9.22 -17.04 9.07
CA THR D 80 -10.69 -16.96 8.93
C THR D 80 -11.36 -16.86 10.30
N GLU D 81 -12.60 -16.41 10.34
CA GLU D 81 -13.36 -16.42 11.60
C GLU D 81 -13.38 -17.82 12.21
N SER D 82 -13.65 -18.85 11.41
CA SER D 82 -13.76 -20.25 11.86
C SER D 82 -12.42 -20.72 12.46
N GLU D 83 -11.32 -20.60 11.71
CA GLU D 83 -10.04 -21.21 12.18
C GLU D 83 -9.53 -20.37 13.36
N GLY D 84 -9.70 -19.06 13.29
CA GLY D 84 -9.29 -18.12 14.34
C GLY D 84 -10.02 -18.40 15.65
N ASP D 85 -11.33 -18.66 15.57
CA ASP D 85 -12.10 -19.01 16.78
C ASP D 85 -11.50 -20.21 17.51
N ARG D 86 -11.10 -21.25 16.78
CA ARG D 86 -10.52 -22.49 17.34
C ARG D 86 -9.18 -22.11 18.02
N GLU D 87 -8.36 -21.28 17.38
CA GLU D 87 -6.98 -20.97 17.90
C GLU D 87 -7.12 -20.08 19.14
N LEU D 88 -8.13 -19.22 19.22
CA LEU D 88 -8.36 -18.33 20.39
C LEU D 88 -8.77 -19.19 21.57
N ALA D 89 -9.71 -20.11 21.37
CA ALA D 89 -10.08 -21.14 22.38
C ALA D 89 -8.82 -21.84 22.88
N ALA D 90 -7.95 -22.30 21.97
CA ALA D 90 -6.78 -23.15 22.32
C ALA D 90 -5.78 -22.32 23.14
N ALA D 91 -5.54 -21.07 22.74
CA ALA D 91 -4.58 -20.21 23.50
C ALA D 91 -5.04 -20.14 24.96
N TYR D 92 -6.31 -19.83 25.22
CA TYR D 92 -6.82 -19.77 26.61
C TYR D 92 -6.75 -21.12 27.34
N ARG D 93 -7.12 -22.21 26.67
CA ARG D 93 -6.99 -23.59 27.20
C ARG D 93 -5.56 -23.79 27.73
N GLU D 94 -4.56 -23.42 26.92
CA GLU D 94 -3.13 -23.62 27.26
C GLU D 94 -2.71 -22.69 28.42
N VAL D 95 -3.23 -21.46 28.50
CA VAL D 95 -3.04 -20.54 29.66
C VAL D 95 -3.55 -21.25 30.92
N ALA D 96 -4.77 -21.78 30.91
CA ALA D 96 -5.40 -22.44 32.09
C ALA D 96 -4.50 -23.59 32.57
N LYS D 97 -3.96 -24.38 31.64
CA LYS D 97 -3.10 -25.56 31.96
C LYS D 97 -1.81 -25.08 32.64
N GLU D 98 -1.23 -23.96 32.18
CA GLU D 98 -0.02 -23.37 32.82
C GLU D 98 -0.34 -22.79 34.21
N VAL D 99 -1.45 -22.09 34.37
CA VAL D 99 -1.85 -21.51 35.69
C VAL D 99 -1.98 -22.67 36.70
N THR D 100 -2.64 -23.77 36.34
CA THR D 100 -2.79 -24.95 37.23
C THR D 100 -1.41 -25.51 37.55
N ARG D 101 -0.57 -25.72 36.53
CA ARG D 101 0.76 -26.39 36.68
C ARG D 101 1.64 -25.56 37.62
N LEU D 102 1.56 -24.24 37.53
CA LEU D 102 2.40 -23.30 38.34
C LEU D 102 1.90 -23.25 39.78
N GLY D 103 0.64 -23.63 40.03
CA GLY D 103 0.05 -23.66 41.39
C GLY D 103 -0.12 -22.27 41.98
N VAL D 104 -0.17 -21.23 41.16
CA VAL D 104 -0.34 -19.84 41.64
C VAL D 104 -1.74 -19.64 42.23
N ASN D 105 -1.89 -18.61 43.05
CA ASN D 105 -3.17 -18.23 43.68
C ASN D 105 -3.91 -17.22 42.79
N SER D 106 -3.19 -16.53 41.91
CA SER D 106 -3.78 -15.41 41.12
C SER D 106 -3.03 -15.23 39.81
N VAL D 107 -3.74 -14.67 38.83
CA VAL D 107 -3.18 -14.45 37.48
C VAL D 107 -3.82 -13.19 36.91
N ALA D 108 -2.98 -12.35 36.30
CA ALA D 108 -3.30 -11.14 35.55
C ALA D 108 -3.39 -11.54 34.08
N ILE D 109 -4.51 -11.25 33.41
N ILE D 109 -4.54 -11.28 33.43
CA ILE D 109 -4.76 -11.76 32.03
CA ILE D 109 -4.82 -11.72 32.04
C ILE D 109 -5.42 -10.68 31.19
C ILE D 109 -5.34 -10.54 31.22
N PRO D 110 -4.90 -10.40 29.96
CA PRO D 110 -5.52 -9.45 29.05
C PRO D 110 -6.49 -10.22 28.14
N LEU D 111 -7.35 -9.51 27.40
CA LEU D 111 -8.23 -10.15 26.38
C LEU D 111 -7.45 -10.36 25.09
N LEU D 112 -7.12 -11.63 24.83
CA LEU D 112 -6.32 -12.01 23.66
C LEU D 112 -7.08 -11.67 22.37
N SER D 113 -6.36 -11.21 21.39
CA SER D 113 -6.82 -10.99 19.98
C SER D 113 -7.83 -9.81 19.91
N THR D 114 -7.85 -8.91 20.89
CA THR D 114 -8.80 -7.75 20.89
C THR D 114 -8.16 -6.43 20.46
N GLY D 115 -6.85 -6.38 20.27
CA GLY D 115 -6.12 -5.18 19.85
C GLY D 115 -5.72 -5.26 18.40
N VAL D 116 -4.42 -5.18 18.11
CA VAL D 116 -3.90 -5.23 16.72
C VAL D 116 -4.18 -6.62 16.11
N TYR D 117 -4.53 -7.67 16.87
CA TYR D 117 -4.85 -9.00 16.27
C TYR D 117 -6.36 -9.13 16.02
N SER D 118 -7.15 -8.07 16.21
CA SER D 118 -8.64 -8.18 16.13
C SER D 118 -9.14 -8.14 14.67
N GLY D 119 -8.29 -7.87 13.68
CA GLY D 119 -8.70 -7.70 12.27
C GLY D 119 -9.76 -6.60 12.14
N GLY D 120 -9.66 -5.58 13.00
CA GLY D 120 -10.53 -4.37 12.96
C GLY D 120 -11.94 -4.62 13.47
N LYS D 121 -12.19 -5.72 14.18
CA LYS D 121 -13.52 -6.08 14.70
C LYS D 121 -13.52 -5.97 16.23
N ASP D 122 -14.66 -5.64 16.82
CA ASP D 122 -14.87 -5.67 18.28
C ASP D 122 -15.02 -7.11 18.73
N ARG D 123 -14.03 -7.63 19.48
CA ARG D 123 -13.95 -9.04 19.93
C ARG D 123 -14.00 -9.16 21.46
N LEU D 124 -14.59 -8.19 22.17
CA LEU D 124 -14.68 -8.26 23.66
C LEU D 124 -15.44 -9.51 24.10
N THR D 125 -16.70 -9.72 23.63
CA THR D 125 -17.54 -10.87 24.05
C THR D 125 -16.90 -12.20 23.65
N GLN D 126 -16.37 -12.27 22.44
CA GLN D 126 -15.77 -13.51 21.90
C GLN D 126 -14.56 -13.86 22.79
N SER D 127 -13.67 -12.91 22.97
CA SER D 127 -12.42 -13.15 23.77
C SER D 127 -12.75 -13.50 25.23
N LEU D 128 -13.63 -12.73 25.87
CA LEU D 128 -14.06 -12.96 27.26
C LEU D 128 -14.73 -14.31 27.39
N ASN D 129 -15.52 -14.76 26.39
CA ASN D 129 -16.22 -16.05 26.52
C ASN D 129 -15.22 -17.20 26.52
N HIS D 130 -14.19 -17.19 25.69
CA HIS D 130 -13.14 -18.24 25.66
C HIS D 130 -12.32 -18.18 26.96
N LEU D 131 -12.08 -16.96 27.45
CA LEU D 131 -11.37 -16.75 28.76
C LEU D 131 -12.14 -17.46 29.88
N PHE D 132 -13.45 -17.22 30.01
CA PHE D 132 -14.26 -17.84 31.10
C PHE D 132 -14.25 -19.37 30.96
N THR D 133 -14.42 -19.90 29.74
CA THR D 133 -14.52 -21.36 29.49
C THR D 133 -13.23 -22.05 29.92
N ALA D 134 -12.07 -21.46 29.59
CA ALA D 134 -10.77 -22.05 29.97
C ALA D 134 -10.53 -21.89 31.47
N MET D 135 -10.70 -20.67 31.98
CA MET D 135 -10.21 -20.34 33.34
C MET D 135 -11.18 -20.93 34.38
N ASP D 136 -12.43 -21.25 33.99
CA ASP D 136 -13.37 -21.90 34.94
C ASP D 136 -12.80 -23.22 35.45
N SER D 137 -11.85 -23.84 34.73
CA SER D 137 -11.21 -25.13 35.08
C SER D 137 -10.09 -24.97 36.13
N THR D 138 -9.75 -23.74 36.52
CA THR D 138 -8.69 -23.45 37.53
C THR D 138 -9.32 -23.13 38.90
N ASP D 139 -8.49 -22.93 39.93
CA ASP D 139 -8.93 -22.50 41.28
C ASP D 139 -8.49 -21.05 41.55
N ALA D 140 -7.80 -20.42 40.58
CA ALA D 140 -7.06 -19.16 40.80
C ALA D 140 -8.01 -17.97 40.77
N ASP D 141 -7.64 -16.92 41.50
CA ASP D 141 -8.23 -15.57 41.34
C ASP D 141 -7.75 -15.02 40.00
N VAL D 142 -8.68 -14.69 39.12
CA VAL D 142 -8.35 -14.15 37.78
C VAL D 142 -8.68 -12.66 37.78
N VAL D 143 -7.72 -11.84 37.39
CA VAL D 143 -7.90 -10.39 37.24
C VAL D 143 -7.64 -10.02 35.78
N ILE D 144 -8.68 -9.58 35.11
CA ILE D 144 -8.67 -9.14 33.69
C ILE D 144 -8.30 -7.67 33.65
N TYR D 145 -7.32 -7.33 32.79
CA TYR D 145 -6.81 -5.95 32.58
C TYR D 145 -7.31 -5.42 31.23
N CYS D 146 -7.85 -4.20 31.21
CA CYS D 146 -8.25 -3.44 29.99
C CYS D 146 -7.81 -1.98 30.18
N ARG D 147 -7.92 -1.16 29.13
CA ARG D 147 -7.61 0.29 29.18
C ARG D 147 -8.87 1.13 28.95
N ASP D 148 -9.84 0.63 28.17
CA ASP D 148 -11.06 1.37 27.77
C ASP D 148 -12.09 1.37 28.91
N LYS D 149 -12.73 2.51 29.18
CA LYS D 149 -13.69 2.68 30.30
C LYS D 149 -14.98 1.90 30.03
N GLU D 150 -15.49 1.89 28.78
CA GLU D 150 -16.73 1.15 28.44
C GLU D 150 -16.42 -0.35 28.38
N TRP D 151 -15.20 -0.73 27.95
CA TRP D 151 -14.77 -2.16 28.01
C TRP D 151 -14.75 -2.61 29.47
N GLU D 152 -14.20 -1.78 30.37
CA GLU D 152 -14.24 -2.05 31.83
C GLU D 152 -15.68 -2.36 32.28
N LYS D 153 -16.63 -1.49 31.93
CA LYS D 153 -18.06 -1.59 32.31
C LYS D 153 -18.63 -2.90 31.76
N LYS D 154 -18.41 -3.19 30.48
CA LYS D 154 -18.92 -4.39 29.76
C LYS D 154 -18.35 -5.66 30.40
N ILE D 155 -17.04 -5.67 30.69
CA ILE D 155 -16.37 -6.83 31.34
C ILE D 155 -16.97 -7.04 32.74
N SER D 156 -17.09 -5.98 33.52
CA SER D 156 -17.73 -6.02 34.86
C SER D 156 -19.16 -6.59 34.75
N GLU D 157 -19.95 -6.10 33.80
CA GLU D 157 -21.34 -6.60 33.61
C GLU D 157 -21.30 -8.09 33.30
N ALA D 158 -20.42 -8.54 32.41
CA ALA D 158 -20.33 -9.97 32.04
C ALA D 158 -19.98 -10.81 33.27
N ILE D 159 -19.07 -10.33 34.12
CA ILE D 159 -18.68 -11.04 35.37
C ILE D 159 -19.91 -11.14 36.28
N GLN D 160 -20.57 -10.01 36.52
CA GLN D 160 -21.76 -9.90 37.41
C GLN D 160 -22.85 -10.87 36.93
N MET D 161 -23.17 -10.84 35.63
CA MET D 161 -24.31 -11.57 35.03
C MET D 161 -24.21 -13.08 35.28
N ARG D 162 -22.99 -13.66 35.28
CA ARG D 162 -22.77 -15.13 35.33
C ARG D 162 -22.64 -15.63 36.78
N THR D 163 -22.91 -14.78 37.77
CA THR D 163 -22.80 -15.12 39.22
C THR D 163 -24.09 -15.81 39.70
S DMS E . -6.92 5.57 -0.42
O DMS E . -5.83 5.45 0.66
C1 DMS E . -6.78 7.16 -1.09
C2 DMS E . -8.47 5.84 0.42
S DMS F . -5.94 23.61 7.24
O DMS F . -6.22 22.47 8.19
C1 DMS F . -4.40 24.29 7.79
C2 DMS F . -6.93 24.94 7.82
C TRS G . 7.60 28.05 17.81
C1 TRS G . 8.48 27.97 16.55
C2 TRS G . 7.29 26.65 18.35
C3 TRS G . 8.29 28.92 18.87
N TRS G . 6.29 28.68 17.41
O1 TRS G . 8.60 29.21 15.86
O2 TRS G . 8.46 25.97 18.82
O3 TRS G . 7.38 29.41 19.86
S DMS H . 10.38 9.50 11.38
O DMS H . 10.83 9.97 10.02
C1 DMS H . 8.64 9.56 11.38
C2 DMS H . 10.64 10.87 12.49
S DMS I . 6.88 24.86 -13.87
O DMS I . 7.27 23.46 -13.77
C1 DMS I . 6.04 25.01 -15.44
C2 DMS I . 8.33 25.81 -14.21
CL CL J . -3.62 27.44 4.44
CL CL K . -6.49 16.57 -9.57
N1 W1Y L . -6.44 33.13 -4.52
C4 W1Y L . -5.50 32.80 -2.50
C5 W1Y L . -6.38 35.07 -3.09
C6 W1Y L . -6.42 35.96 -4.16
C7 W1Y L . -6.79 37.28 -3.94
C8 W1Y L . -7.12 37.71 -2.67
C10 W1Y L . -6.69 35.50 -1.80
C W1Y L . -5.93 28.19 -2.96
N W1Y L . -5.93 29.49 -2.30
C1 W1Y L . -4.82 30.34 -2.73
C2 W1Y L . -5.44 31.60 -3.20
N2 W1Y L . -6.10 33.69 -3.32
C3 W1Y L . -6.03 31.88 -4.43
C9 W1Y L . -7.06 36.82 -1.60
S DMS M . -6.47 20.47 -12.51
O DMS M . -6.69 20.79 -11.05
C1 DMS M . -5.98 18.76 -12.55
C2 DMS M . -8.07 20.28 -13.26
S DMS N . -15.31 2.48 -21.80
O DMS N . -14.15 3.25 -22.38
C1 DMS N . -14.88 2.09 -20.13
C2 DMS N . -15.20 0.83 -22.44
S DMS O . -16.25 9.01 -21.48
O DMS O . -15.60 10.29 -21.10
C1 DMS O . -15.87 8.75 -23.20
C2 DMS O . -17.94 9.47 -21.67
S DMS P . -19.54 -3.27 -22.03
O DMS P . -18.42 -2.56 -22.76
C1 DMS P . -19.13 -4.99 -22.02
C2 DMS P . -20.90 -3.36 -23.17
CL CL Q . -15.19 -4.20 -21.44
CL CL R . -17.16 5.05 -24.44
S DMS S . 12.48 -10.42 -7.48
O DMS S . 11.05 -10.47 -6.98
C1 DMS S . 13.35 -11.70 -6.62
C2 DMS S . 12.48 -11.15 -9.10
CL CL T . 18.65 -10.25 -5.45
CL CL U . -4.98 -5.38 -11.55
CL CL V . 10.21 -7.86 -9.26
S DMS W . 11.25 -29.61 -13.99
O DMS W . 9.84 -29.14 -13.73
C1 DMS W . 12.30 -28.80 -12.85
C2 DMS W . 11.79 -28.77 -15.46
S DMS X . 0.54 0.43 4.99
O DMS X . 1.01 0.94 3.64
C1 DMS X . -1.18 -0.01 4.80
C2 DMS X . 0.27 1.85 6.02
S DMS Y . -4.67 -6.15 23.35
O DMS Y . -3.38 -5.32 23.47
C1 DMS Y . -5.56 -5.90 24.86
C2 DMS Y . -4.19 -7.84 23.62
S DMS Z . 11.46 -1.66 34.74
O DMS Z . 9.96 -1.60 34.58
C1 DMS Z . 12.15 -1.00 33.25
C2 DMS Z . 12.00 -3.36 34.53
S DMS AA . 0.79 -8.07 19.19
O DMS AA . 2.20 -8.30 19.70
C1 DMS AA . 0.20 -6.60 19.97
C2 DMS AA . -0.32 -9.25 19.94
S DMS BA . 8.92 -22.96 33.53
O DMS BA . 7.69 -22.55 34.32
C1 DMS BA . 9.63 -21.46 32.94
C2 DMS BA . 8.35 -23.60 31.98
CL CL CA . -9.34 -2.24 26.40
CL CL DA . -4.17 -8.28 20.27
#